data_5DFV
#
_entry.id   5DFV
#
_cell.length_a   77.631
_cell.length_b   94.483
_cell.length_c   94.114
_cell.angle_alpha   90.00
_cell.angle_beta   104.14
_cell.angle_gamma   90.00
#
_symmetry.space_group_name_H-M   'P 1 21 1'
#
loop_
_entity.id
_entity.type
_entity.pdbx_description
1 polymer 'CD81 antigen'
2 polymer 'FAB HEAVY CHAIN'
3 polymer 'FAB LIGHT CHAIN'
4 water water
#
loop_
_entity_poly.entity_id
_entity_poly.type
_entity_poly.pdbx_seq_one_letter_code
_entity_poly.pdbx_strand_id
1 'polypeptide(L)'
;GSGFVNKDQIAKDVKQFYDQALQQAVVDDDANNAKAVVKTFHETLDCCGSSTLTALTTSVLKNNLCPSGSNIISNLFKED
CHQKIDDLFSGKHHHHHHH
;
A,B
2 'polypeptide(L)'
;QVQLQQSGPELVKPGASVKISCKASGYTFSSSWMNWVKQRPGKGLEWIGRIYSGDGDAIYNGKFKGKATLTADKSSSTAY
MQLSSLTSEDSAVYFCAREGKTGDLLLRSWGQGSALTVSSAKTTAPSVYPLVPVCGGTTGSSVTLGCLVKGYFPEPVTLT
WNSGSLSSGVHTFPALLQSGLYTLSSSVTVTSNTWPSQTITCNVAHPASSTKVDKKIEPRVP
;
C,E
3 'polypeptide(L)'
;DIVLTQSPASLSVSLGQRATISCRASKSVSTSIYSYMHWYQQKPGQPPKLLIKYASYLESGVPARFSGSGSGTDFTLNIH
PVEEEDAATYYCEHSREFPFTFGTGTKLEIKRADAAPTVSIFPPSSEQLTSGGASVVCFLNNFYPKDINVKWKIDGSERQ
NGVLNSWTDQDSKDSTYSMSSTLTLTKDEYERHNSYTCEATHKTSTSPIVKSFNRNEC
;
D,F
#
# COMPACT_ATOMS: atom_id res chain seq x y z
N PHE A 4 15.73 -3.28 2.37
CA PHE A 4 14.26 -3.49 2.54
C PHE A 4 13.46 -2.53 1.67
N VAL A 5 12.26 -2.96 1.30
CA VAL A 5 11.24 -2.08 0.69
C VAL A 5 11.03 -0.78 1.47
N ASN A 6 10.90 0.33 0.75
CA ASN A 6 10.76 1.67 1.33
C ASN A 6 9.35 1.91 1.87
N LYS A 7 9.22 2.05 3.18
CA LYS A 7 7.90 2.11 3.83
C LYS A 7 7.06 3.31 3.39
N ASP A 8 7.56 4.52 3.63
CA ASP A 8 6.77 5.74 3.38
C ASP A 8 6.42 5.89 1.90
N GLN A 9 7.27 5.39 1.01
CA GLN A 9 7.01 5.43 -0.42
C GLN A 9 5.81 4.54 -0.82
N ILE A 10 5.71 3.35 -0.21
CA ILE A 10 4.59 2.43 -0.49
C ILE A 10 3.27 2.95 0.06
N ALA A 11 3.30 3.52 1.27
CA ALA A 11 2.12 4.16 1.87
C ALA A 11 1.62 5.31 0.98
N LYS A 12 2.55 6.08 0.43
CA LYS A 12 2.21 7.18 -0.47
C LYS A 12 1.68 6.68 -1.81
N ASP A 13 2.19 5.55 -2.27
CA ASP A 13 1.70 4.96 -3.52
C ASP A 13 0.27 4.45 -3.39
N VAL A 14 -0.06 3.91 -2.22
CA VAL A 14 -1.38 3.36 -1.98
C VAL A 14 -2.41 4.48 -1.85
N LYS A 15 -2.05 5.55 -1.14
CA LYS A 15 -2.86 6.78 -1.11
C LYS A 15 -3.05 7.33 -2.53
N GLN A 16 -1.95 7.50 -3.24
CA GLN A 16 -1.98 7.89 -4.65
C GLN A 16 -3.03 7.06 -5.38
N PHE A 17 -2.85 5.74 -5.35
CA PHE A 17 -3.78 4.81 -6.01
C PHE A 17 -5.25 4.97 -5.58
N TYR A 18 -5.48 5.08 -4.28
CA TYR A 18 -6.83 5.27 -3.77
C TYR A 18 -7.42 6.57 -4.32
N ASP A 19 -6.65 7.65 -4.28
CA ASP A 19 -7.10 8.94 -4.77
C ASP A 19 -7.53 8.84 -6.24
N GLN A 20 -6.73 8.12 -7.03
CA GLN A 20 -7.02 7.97 -8.46
C GLN A 20 -8.36 7.26 -8.66
N ALA A 21 -8.61 6.23 -7.86
CA ALA A 21 -9.88 5.51 -7.91
C ALA A 21 -11.05 6.38 -7.45
N LEU A 22 -10.85 7.09 -6.34
CA LEU A 22 -11.91 7.93 -5.76
C LEU A 22 -12.38 9.00 -6.74
N GLN A 23 -11.41 9.64 -7.40
CA GLN A 23 -11.72 10.65 -8.40
C GLN A 23 -12.44 10.00 -9.57
N GLN A 24 -11.84 8.96 -10.12
CA GLN A 24 -12.37 8.28 -11.31
C GLN A 24 -13.78 7.74 -11.07
N ALA A 25 -14.06 7.34 -9.84
CA ALA A 25 -15.39 6.88 -9.46
C ALA A 25 -16.48 7.90 -9.78
N VAL A 26 -16.20 9.18 -9.58
CA VAL A 26 -17.20 10.24 -9.77
C VAL A 26 -17.07 10.92 -11.14
N VAL A 27 -15.85 11.23 -11.57
CA VAL A 27 -15.65 12.01 -12.80
C VAL A 27 -15.79 11.19 -14.09
N ASP A 28 -15.47 9.90 -14.03
CA ASP A 28 -15.42 9.07 -15.23
C ASP A 28 -16.80 8.62 -15.71
N ASP A 29 -16.90 8.31 -17.01
CA ASP A 29 -18.09 7.65 -17.57
C ASP A 29 -18.24 6.23 -16.95
N ASP A 30 -18.83 6.19 -15.76
CA ASP A 30 -18.91 4.98 -14.92
C ASP A 30 -17.77 3.97 -15.10
N ALA A 31 -16.64 4.26 -14.45
CA ALA A 31 -15.63 3.23 -14.18
C ALA A 31 -16.21 2.35 -13.07
N ASN A 32 -16.79 1.22 -13.49
CA ASN A 32 -17.45 0.27 -12.56
C ASN A 32 -16.45 -0.30 -11.55
N ASN A 33 -15.21 -0.53 -12.02
CA ASN A 33 -14.17 -1.04 -11.15
C ASN A 33 -13.72 0.01 -10.15
N ALA A 34 -13.61 1.26 -10.60
CA ALA A 34 -13.22 2.36 -9.72
C ALA A 34 -14.18 2.50 -8.54
N LYS A 35 -15.47 2.34 -8.80
CA LYS A 35 -16.49 2.40 -7.75
C LYS A 35 -16.35 1.20 -6.81
N ALA A 36 -16.19 0.01 -7.37
CA ALA A 36 -16.00 -1.22 -6.58
C ALA A 36 -14.77 -1.11 -5.70
N VAL A 37 -13.63 -0.78 -6.29
CA VAL A 37 -12.40 -0.58 -5.54
C VAL A 37 -12.60 0.39 -4.38
N VAL A 38 -13.24 1.51 -4.66
CA VAL A 38 -13.46 2.54 -3.64
C VAL A 38 -14.34 2.03 -2.48
N LYS A 39 -15.31 1.16 -2.75
CA LYS A 39 -16.08 0.53 -1.66
C LYS A 39 -15.19 -0.42 -0.87
N THR A 40 -14.44 -1.26 -1.58
CA THR A 40 -13.53 -2.23 -0.96
C THR A 40 -12.66 -1.55 0.09
N PHE A 41 -12.01 -0.46 -0.30
CA PHE A 41 -11.15 0.28 0.61
C PHE A 41 -11.90 0.78 1.84
N HIS A 42 -13.02 1.46 1.61
CA HIS A 42 -13.83 2.02 2.70
C HIS A 42 -14.25 0.97 3.72
N GLU A 43 -14.71 -0.19 3.24
CA GLU A 43 -15.14 -1.28 4.10
C GLU A 43 -13.96 -1.89 4.86
N THR A 44 -12.87 -2.15 4.14
CA THR A 44 -11.68 -2.76 4.73
C THR A 44 -11.03 -1.87 5.78
N LEU A 45 -10.96 -0.57 5.48
CA LEU A 45 -10.29 0.38 6.36
C LEU A 45 -11.23 1.13 7.32
N ASP A 46 -12.54 0.89 7.20
CA ASP A 46 -13.57 1.65 7.94
C ASP A 46 -13.30 3.15 7.74
N CYS A 47 -13.84 3.66 6.64
CA CYS A 47 -13.24 4.79 5.97
C CYS A 47 -14.25 5.47 5.06
N CYS A 48 -14.05 6.76 4.79
CA CYS A 48 -14.89 7.48 3.81
C CYS A 48 -14.18 8.71 3.25
N GLY A 49 -13.59 8.54 2.06
CA GLY A 49 -13.03 9.64 1.30
C GLY A 49 -11.61 10.04 1.66
N SER A 50 -11.23 11.24 1.23
CA SER A 50 -9.95 11.84 1.58
C SER A 50 -10.15 13.27 2.03
N SER A 51 -9.20 13.77 2.82
CA SER A 51 -9.18 15.16 3.24
C SER A 51 -8.59 16.03 2.12
N THR A 52 -7.85 15.40 1.21
CA THR A 52 -7.30 16.09 0.04
C THR A 52 -8.32 16.16 -1.10
N LEU A 53 -9.40 15.39 -0.99
CA LEU A 53 -10.47 15.35 -2.00
C LEU A 53 -11.81 15.42 -1.29
N THR A 54 -12.03 16.52 -0.55
CA THR A 54 -13.20 16.62 0.31
C THR A 54 -14.45 17.00 -0.50
N ALA A 55 -14.25 17.65 -1.64
CA ALA A 55 -15.36 17.98 -2.54
C ALA A 55 -15.94 16.72 -3.14
N LEU A 56 -15.09 15.92 -3.77
CA LEU A 56 -15.51 14.66 -4.38
C LEU A 56 -15.96 13.62 -3.34
N THR A 57 -15.38 13.64 -2.14
CA THR A 57 -15.77 12.69 -1.10
C THR A 57 -17.25 12.82 -0.71
N THR A 58 -17.76 14.05 -0.78
CA THR A 58 -19.16 14.34 -0.48
C THR A 58 -20.08 13.51 -1.36
N SER A 59 -19.92 13.65 -2.67
CA SER A 59 -20.80 12.96 -3.61
C SER A 59 -20.62 11.44 -3.56
N VAL A 60 -19.42 10.98 -3.24
CA VAL A 60 -19.15 9.55 -3.03
C VAL A 60 -19.96 9.01 -1.84
N LEU A 61 -19.94 9.76 -0.74
CA LEU A 61 -20.72 9.44 0.45
C LEU A 61 -22.20 9.19 0.13
N LYS A 62 -22.79 10.04 -0.70
CA LYS A 62 -24.22 9.96 -1.00
C LYS A 62 -24.54 8.91 -2.06
N ASN A 63 -23.55 8.54 -2.87
CA ASN A 63 -23.71 7.45 -3.85
C ASN A 63 -23.63 6.06 -3.20
N ASN A 64 -23.64 6.00 -1.87
CA ASN A 64 -23.60 4.74 -1.12
C ASN A 64 -22.33 3.93 -1.36
N LEU A 65 -21.20 4.54 -0.99
CA LEU A 65 -19.88 3.89 -1.05
C LEU A 65 -19.12 4.05 0.27
N CYS A 66 -19.84 4.17 1.39
CA CYS A 66 -19.22 4.34 2.70
C CYS A 66 -19.95 3.48 3.77
N PRO A 67 -19.23 3.10 4.86
CA PRO A 67 -19.72 2.10 5.83
C PRO A 67 -20.94 2.54 6.69
N SER A 68 -22.13 2.10 6.28
CA SER A 68 -23.37 2.31 7.06
C SER A 68 -23.54 3.72 7.62
N ASN A 71 -23.65 7.22 9.02
CA ASN A 71 -22.85 8.43 8.88
C ASN A 71 -23.36 9.38 7.77
N ILE A 72 -23.16 10.69 7.96
CA ILE A 72 -23.48 11.72 6.94
C ILE A 72 -22.61 12.99 7.09
N ILE A 73 -22.27 13.60 5.95
CA ILE A 73 -21.15 14.55 5.80
C ILE A 73 -20.12 14.49 6.93
N SER A 74 -19.96 15.54 7.73
CA SER A 74 -18.77 15.65 8.59
C SER A 74 -19.07 15.57 10.10
N ASN A 75 -18.65 14.52 10.81
CA ASN A 75 -18.11 13.23 10.29
C ASN A 75 -16.91 13.22 9.32
N LEU A 76 -17.15 12.97 8.02
CA LEU A 76 -16.13 12.92 6.95
C LEU A 76 -14.68 13.27 7.30
N PHE A 77 -14.46 14.44 7.89
CA PHE A 77 -13.11 14.84 8.32
C PHE A 77 -12.48 13.89 9.36
N LYS A 78 -13.31 13.10 10.04
CA LYS A 78 -12.84 12.08 10.98
C LYS A 78 -12.63 10.75 10.28
N GLU A 79 -13.07 10.65 9.02
CA GLU A 79 -13.08 9.39 8.26
C GLU A 79 -12.05 9.37 7.12
N ASP A 80 -10.89 9.97 7.35
CA ASP A 80 -9.89 10.12 6.30
C ASP A 80 -9.20 8.79 6.03
N CYS A 81 -9.11 8.41 4.75
CA CYS A 81 -8.48 7.15 4.36
C CYS A 81 -6.97 7.25 4.32
N HIS A 82 -6.46 8.42 3.96
CA HIS A 82 -5.03 8.66 4.00
C HIS A 82 -4.47 8.31 5.37
N GLN A 83 -5.22 8.62 6.42
CA GLN A 83 -4.78 8.33 7.79
C GLN A 83 -4.87 6.84 8.12
N LYS A 84 -5.90 6.16 7.62
CA LYS A 84 -6.04 4.72 7.86
C LYS A 84 -5.00 3.92 7.07
N ILE A 85 -4.61 4.43 5.92
CA ILE A 85 -3.56 3.82 5.12
C ILE A 85 -2.24 3.93 5.87
N ASP A 86 -1.95 5.11 6.43
CA ASP A 86 -0.78 5.26 7.30
C ASP A 86 -0.77 4.23 8.43
N ASP A 87 -1.91 4.09 9.09
CA ASP A 87 -2.03 3.20 10.24
C ASP A 87 -1.89 1.73 9.87
N LEU A 88 -2.29 1.37 8.65
CA LEU A 88 -2.08 0.01 8.16
C LEU A 88 -0.59 -0.32 8.06
N PHE A 89 0.18 0.59 7.47
CA PHE A 89 1.61 0.39 7.27
C PHE A 89 2.46 0.70 8.51
N SER A 90 1.86 1.30 9.54
CA SER A 90 2.56 1.60 10.79
C SER A 90 2.16 0.69 11.95
N GLY A 91 1.35 -0.33 11.67
CA GLY A 91 0.99 -1.34 12.66
C GLY A 91 0.17 -0.83 13.83
N LYS A 92 -0.87 -0.05 13.52
CA LYS A 92 -1.77 0.47 14.54
C LYS A 92 -3.14 -0.19 14.39
N HIS A 93 -4.22 0.59 14.31
CA HIS A 93 -5.60 0.08 14.35
C HIS A 93 -5.91 -0.66 15.65
CA PHE B 4 -1.67 7.35 -13.13
C PHE B 4 -1.08 6.00 -12.73
N VAL B 5 -0.73 5.87 -11.44
CA VAL B 5 -0.06 4.66 -10.90
C VAL B 5 -0.71 3.31 -11.26
N ASN B 6 0.12 2.35 -11.66
CA ASN B 6 -0.36 1.03 -12.09
C ASN B 6 -0.79 0.16 -10.91
N LYS B 7 -1.85 -0.61 -11.12
CA LYS B 7 -2.39 -1.53 -10.11
C LYS B 7 -1.40 -2.64 -9.73
N ASP B 8 -0.66 -3.12 -10.73
CA ASP B 8 0.23 -4.27 -10.54
C ASP B 8 1.39 -3.96 -9.61
N GLN B 9 2.24 -3.02 -10.03
CA GLN B 9 3.46 -2.72 -9.29
C GLN B 9 3.19 -2.35 -7.82
N ILE B 10 2.10 -1.62 -7.56
CA ILE B 10 1.73 -1.25 -6.19
C ILE B 10 1.25 -2.47 -5.40
N ALA B 11 0.51 -3.36 -6.05
CA ALA B 11 0.07 -4.61 -5.42
C ALA B 11 1.25 -5.55 -5.14
N LYS B 12 2.30 -5.47 -5.95
CA LYS B 12 3.50 -6.26 -5.73
C LYS B 12 4.27 -5.69 -4.55
N ASP B 13 4.45 -4.37 -4.56
CA ASP B 13 5.15 -3.66 -3.49
C ASP B 13 4.57 -3.96 -2.11
N VAL B 14 3.25 -3.96 -2.02
CA VAL B 14 2.58 -4.15 -0.74
C VAL B 14 2.75 -5.57 -0.22
N LYS B 15 2.62 -6.56 -1.12
CA LYS B 15 2.94 -7.95 -0.77
C LYS B 15 4.37 -8.04 -0.26
N GLN B 16 5.30 -7.48 -1.02
CA GLN B 16 6.70 -7.51 -0.65
C GLN B 16 6.93 -6.84 0.71
N PHE B 17 6.26 -5.71 0.95
CA PHE B 17 6.35 -5.04 2.25
C PHE B 17 5.84 -5.94 3.37
N TYR B 18 4.74 -6.64 3.12
CA TYR B 18 4.15 -7.54 4.10
C TYR B 18 5.08 -8.73 4.36
N ASP B 19 5.53 -9.36 3.29
CA ASP B 19 6.45 -10.51 3.36
C ASP B 19 7.65 -10.24 4.24
N GLN B 20 8.19 -9.04 4.14
CA GLN B 20 9.35 -8.64 4.94
C GLN B 20 8.97 -8.42 6.40
N ALA B 21 7.72 -8.01 6.63
CA ALA B 21 7.18 -7.90 7.98
C ALA B 21 7.00 -9.28 8.59
N LEU B 22 6.43 -10.19 7.81
CA LEU B 22 6.18 -11.55 8.25
C LEU B 22 7.47 -12.23 8.69
N GLN B 23 8.53 -12.04 7.90
CA GLN B 23 9.84 -12.59 8.22
C GLN B 23 10.42 -11.94 9.47
N GLN B 24 10.49 -10.62 9.49
CA GLN B 24 11.07 -9.89 10.64
C GLN B 24 10.42 -10.27 11.97
N ALA B 25 9.11 -10.46 11.97
CA ALA B 25 8.37 -10.80 13.18
C ALA B 25 8.86 -12.10 13.81
N VAL B 26 9.28 -13.03 12.96
CA VAL B 26 9.74 -14.35 13.38
C VAL B 26 11.25 -14.44 13.61
N VAL B 27 12.03 -14.06 12.59
CA VAL B 27 13.50 -14.24 12.64
C VAL B 27 14.21 -13.22 13.52
N ASP B 28 13.71 -11.97 13.53
CA ASP B 28 14.29 -10.92 14.35
C ASP B 28 13.62 -10.91 15.72
N ASP B 29 14.43 -10.79 16.78
CA ASP B 29 13.96 -11.06 18.16
C ASP B 29 13.05 -9.95 18.71
N ASP B 30 13.54 -8.72 18.72
CA ASP B 30 12.78 -7.61 19.30
C ASP B 30 11.70 -7.07 18.37
N ALA B 31 11.68 -7.47 17.10
CA ALA B 31 10.88 -6.83 16.05
C ALA B 31 9.43 -6.52 16.46
N ASN B 32 9.25 -5.42 17.18
CA ASN B 32 7.94 -5.02 17.70
C ASN B 32 7.05 -4.50 16.60
N ASN B 33 7.58 -3.56 15.82
CA ASN B 33 6.80 -2.97 14.74
C ASN B 33 6.41 -4.02 13.72
N ALA B 34 7.38 -4.88 13.34
CA ALA B 34 7.13 -5.97 12.40
C ALA B 34 5.96 -6.85 12.84
N LYS B 35 5.88 -7.18 14.13
CA LYS B 35 4.74 -7.94 14.65
C LYS B 35 3.45 -7.13 14.56
N ALA B 36 3.51 -5.87 14.97
CA ALA B 36 2.36 -4.97 14.91
C ALA B 36 1.86 -4.87 13.48
N VAL B 37 2.75 -4.49 12.57
CA VAL B 37 2.44 -4.39 11.16
C VAL B 37 1.77 -5.67 10.65
N VAL B 38 2.35 -6.81 11.02
CA VAL B 38 1.83 -8.12 10.59
C VAL B 38 0.40 -8.39 11.10
N LYS B 39 0.14 -8.07 12.37
CA LYS B 39 -1.17 -8.31 12.96
C LYS B 39 -2.19 -7.36 12.39
N THR B 40 -1.79 -6.10 12.21
CA THR B 40 -2.63 -5.08 11.59
C THR B 40 -3.15 -5.56 10.24
N PHE B 41 -2.24 -6.06 9.41
CA PHE B 41 -2.59 -6.61 8.11
C PHE B 41 -3.56 -7.79 8.25
N HIS B 42 -3.21 -8.74 9.12
CA HIS B 42 -4.03 -9.93 9.33
C HIS B 42 -5.44 -9.56 9.79
N GLU B 43 -5.51 -8.74 10.84
CA GLU B 43 -6.80 -8.23 11.34
C GLU B 43 -7.61 -7.54 10.26
N THR B 44 -6.96 -6.63 9.54
CA THR B 44 -7.64 -5.85 8.51
C THR B 44 -8.09 -6.72 7.34
N LEU B 45 -7.12 -7.34 6.67
CA LEU B 45 -7.42 -8.10 5.46
C LEU B 45 -8.13 -9.42 5.76
N ASP B 46 -8.09 -9.87 7.01
CA ASP B 46 -8.68 -11.15 7.40
C ASP B 46 -7.95 -12.30 6.66
N CYS B 47 -6.75 -12.62 7.15
CA CYS B 47 -5.88 -13.62 6.54
C CYS B 47 -4.80 -14.01 7.55
N CYS B 48 -4.00 -15.00 7.19
CA CYS B 48 -2.93 -15.47 8.05
C CYS B 48 -1.74 -15.97 7.22
N GLY B 49 -0.68 -15.18 7.20
CA GLY B 49 0.58 -15.58 6.56
C GLY B 49 0.60 -15.45 5.05
N SER B 50 1.29 -16.37 4.39
CA SER B 50 1.45 -16.33 2.94
C SER B 50 1.84 -17.69 2.38
N SER B 51 1.37 -17.98 1.16
CA SER B 51 1.73 -19.20 0.45
C SER B 51 3.22 -19.26 0.14
N THR B 52 3.82 -18.10 -0.09
CA THR B 52 5.25 -18.02 -0.39
C THR B 52 6.09 -17.95 0.88
N LEU B 53 5.46 -18.11 2.05
CA LEU B 53 6.16 -18.23 3.31
C LEU B 53 5.36 -19.16 4.23
N THR B 54 5.13 -20.38 3.76
CA THR B 54 4.20 -21.28 4.44
C THR B 54 4.79 -21.80 5.76
N ALA B 55 6.11 -21.92 5.80
CA ALA B 55 6.79 -22.45 6.98
C ALA B 55 6.73 -21.46 8.14
N LEU B 56 7.19 -20.24 7.89
CA LEU B 56 7.14 -19.19 8.91
C LEU B 56 5.70 -18.89 9.36
N THR B 57 4.74 -18.97 8.43
CA THR B 57 3.33 -18.68 8.73
C THR B 57 2.80 -19.58 9.84
N THR B 58 3.25 -20.83 9.83
CA THR B 58 2.98 -21.77 10.90
C THR B 58 3.37 -21.16 12.24
N SER B 59 4.59 -20.64 12.31
CA SER B 59 5.07 -19.98 13.52
C SER B 59 4.21 -18.77 13.90
N VAL B 60 3.91 -17.89 12.95
CA VAL B 60 3.18 -16.65 13.28
C VAL B 60 1.75 -16.94 13.72
N LEU B 61 1.14 -17.98 13.16
CA LEU B 61 -0.16 -18.44 13.63
C LEU B 61 -0.07 -18.82 15.10
N LYS B 62 0.99 -19.54 15.45
CA LYS B 62 1.19 -20.01 16.81
C LYS B 62 1.65 -18.93 17.79
N ASN B 63 2.13 -17.81 17.28
CA ASN B 63 2.48 -16.68 18.13
C ASN B 63 1.30 -15.72 18.36
N ASN B 64 0.09 -16.17 17.99
CA ASN B 64 -1.15 -15.41 18.16
C ASN B 64 -1.20 -14.10 17.38
N LEU B 65 -0.47 -14.05 16.26
CA LEU B 65 -0.45 -12.85 15.43
C LEU B 65 -1.49 -12.91 14.30
N CYS B 66 -2.36 -13.92 14.34
CA CYS B 66 -3.40 -14.10 13.33
C CYS B 66 -4.80 -13.90 13.93
N PRO B 67 -5.84 -13.82 13.06
CA PRO B 67 -7.18 -13.59 13.61
C PRO B 67 -7.64 -14.74 14.50
N SER B 68 -8.73 -14.53 15.22
CA SER B 68 -9.21 -15.49 16.21
C SER B 68 -10.40 -16.28 15.68
N ILE B 73 -4.87 -24.64 11.42
CA ILE B 73 -3.59 -24.80 10.71
C ILE B 73 -3.75 -25.52 9.36
N SER B 74 -4.62 -26.54 9.33
CA SER B 74 -4.91 -27.27 8.10
C SER B 74 -5.33 -26.29 7.01
N ASN B 75 -6.08 -25.27 7.41
CA ASN B 75 -6.69 -24.33 6.47
C ASN B 75 -5.94 -22.99 6.35
N LEU B 76 -4.61 -23.03 6.47
CA LEU B 76 -3.78 -21.85 6.23
C LEU B 76 -3.75 -21.52 4.73
N PHE B 77 -3.73 -22.56 3.90
CA PHE B 77 -3.77 -22.39 2.44
C PHE B 77 -5.01 -21.61 1.97
N LYS B 78 -6.11 -21.72 2.71
CA LYS B 78 -7.35 -21.00 2.41
C LYS B 78 -7.34 -19.55 2.89
N GLU B 79 -6.43 -19.23 3.81
CA GLU B 79 -6.31 -17.89 4.38
C GLU B 79 -5.11 -17.13 3.81
N ASP B 80 -4.73 -17.44 2.56
CA ASP B 80 -3.58 -16.78 1.96
C ASP B 80 -3.81 -15.29 1.99
N CYS B 81 -2.81 -14.58 2.49
CA CYS B 81 -2.93 -13.18 2.78
C CYS B 81 -2.40 -12.34 1.60
N HIS B 82 -1.70 -13.00 0.68
CA HIS B 82 -1.34 -12.41 -0.62
C HIS B 82 -2.56 -12.21 -1.49
N GLN B 83 -3.49 -13.16 -1.44
CA GLN B 83 -4.71 -13.12 -2.24
C GLN B 83 -5.61 -11.96 -1.79
N LYS B 84 -5.82 -11.88 -0.48
CA LYS B 84 -6.50 -10.76 0.17
C LYS B 84 -6.01 -9.37 -0.31
N ILE B 85 -4.71 -9.26 -0.54
CA ILE B 85 -4.11 -8.02 -1.06
C ILE B 85 -4.55 -7.77 -2.51
N ASP B 86 -4.50 -8.80 -3.35
CA ASP B 86 -4.98 -8.67 -4.74
C ASP B 86 -6.45 -8.27 -4.80
N ASP B 87 -7.28 -8.94 -4.00
CA ASP B 87 -8.71 -8.65 -3.95
C ASP B 87 -8.99 -7.21 -3.56
N LEU B 88 -8.17 -6.67 -2.66
CA LEU B 88 -8.29 -5.27 -2.24
C LEU B 88 -8.12 -4.32 -3.40
N PHE B 89 -7.05 -4.50 -4.16
CA PHE B 89 -6.71 -3.60 -5.26
C PHE B 89 -7.54 -3.84 -6.52
N SER B 90 -8.12 -5.04 -6.65
CA SER B 90 -8.96 -5.35 -7.81
C SER B 90 -10.41 -4.93 -7.53
N GLY B 91 -10.84 -5.07 -6.28
CA GLY B 91 -12.11 -4.55 -5.82
C GLY B 91 -13.19 -5.58 -5.58
N LYS B 92 -12.82 -6.75 -5.05
CA LYS B 92 -13.79 -7.81 -4.75
C LYS B 92 -14.08 -7.88 -3.24
N HIS B 93 -13.02 -8.11 -2.47
CA HIS B 93 -13.11 -8.28 -1.01
C HIS B 93 -14.53 -8.37 -0.45
N GLN C 1 -35.22 16.30 -22.28
CA GLN C 1 -36.39 16.47 -21.37
C GLN C 1 -36.00 16.99 -19.98
N VAL C 2 -34.69 17.16 -19.74
CA VAL C 2 -34.24 17.78 -18.50
C VAL C 2 -34.63 19.25 -18.50
N GLN C 3 -35.16 19.73 -17.37
CA GLN C 3 -35.44 21.15 -17.22
C GLN C 3 -35.62 21.54 -15.76
N LEU C 4 -35.22 22.78 -15.46
CA LEU C 4 -35.33 23.35 -14.13
C LEU C 4 -36.15 24.62 -14.23
N GLN C 5 -37.21 24.70 -13.43
CA GLN C 5 -38.21 25.74 -13.57
C GLN C 5 -38.22 26.66 -12.35
N GLN C 6 -37.51 27.77 -12.47
CA GLN C 6 -37.34 28.69 -11.34
C GLN C 6 -38.53 29.61 -11.20
N SER C 7 -38.72 30.12 -9.98
CA SER C 7 -39.80 31.05 -9.67
C SER C 7 -39.59 32.39 -10.38
N GLY C 8 -40.62 33.23 -10.34
CA GLY C 8 -40.62 34.48 -11.08
C GLY C 8 -39.88 35.61 -10.39
N PRO C 9 -39.75 36.77 -11.09
CA PRO C 9 -39.19 37.98 -10.51
C PRO C 9 -39.92 38.37 -9.24
N GLU C 10 -39.18 38.81 -8.24
CA GLU C 10 -39.72 39.05 -6.91
C GLU C 10 -39.24 40.40 -6.37
N LEU C 11 -40.16 41.19 -5.86
CA LEU C 11 -39.83 42.44 -5.16
C LEU C 11 -40.17 42.24 -3.70
N VAL C 12 -39.29 42.71 -2.82
CA VAL C 12 -39.46 42.50 -1.38
C VAL C 12 -38.73 43.59 -0.58
N LYS C 13 -39.28 43.93 0.58
CA LYS C 13 -38.71 44.97 1.45
C LYS C 13 -37.37 44.55 2.06
N PRO C 14 -36.49 45.54 2.34
CA PRO C 14 -35.30 45.28 3.17
C PRO C 14 -35.69 44.71 4.52
N GLY C 15 -34.91 43.75 5.01
CA GLY C 15 -35.21 43.09 6.29
C GLY C 15 -36.04 41.83 6.14
N ALA C 16 -36.84 41.77 5.08
CA ALA C 16 -37.71 40.64 4.81
C ALA C 16 -36.92 39.42 4.33
N SER C 17 -37.64 38.34 4.02
CA SER C 17 -37.03 37.13 3.48
C SER C 17 -37.69 36.76 2.17
N VAL C 18 -37.02 35.93 1.37
CA VAL C 18 -37.59 35.38 0.13
C VAL C 18 -37.24 33.92 -0.01
N LYS C 19 -38.19 33.11 -0.49
CA LYS C 19 -37.94 31.71 -0.78
C LYS C 19 -38.08 31.45 -2.28
N ILE C 20 -36.98 31.63 -3.01
CA ILE C 20 -36.90 31.29 -4.43
C ILE C 20 -37.01 29.77 -4.62
N SER C 21 -37.60 29.35 -5.72
CA SER C 21 -37.82 27.92 -5.97
C SER C 21 -37.24 27.45 -7.30
N CYS C 22 -37.24 26.14 -7.48
CA CYS C 22 -36.72 25.51 -8.70
C CYS C 22 -37.37 24.14 -8.84
N LYS C 23 -38.10 23.91 -9.92
CA LYS C 23 -38.79 22.63 -10.12
C LYS C 23 -38.04 21.75 -11.12
N ALA C 24 -37.59 20.58 -10.66
CA ALA C 24 -36.78 19.70 -11.47
C ALA C 24 -37.66 18.65 -12.14
N SER C 25 -37.30 18.27 -13.36
CA SER C 25 -38.01 17.23 -14.08
C SER C 25 -37.14 16.65 -15.20
N GLY C 26 -37.37 15.38 -15.53
CA GLY C 26 -36.60 14.67 -16.57
C GLY C 26 -35.28 14.08 -16.10
N TYR C 27 -35.20 13.78 -14.80
CA TYR C 27 -34.03 13.13 -14.18
C TYR C 27 -34.35 12.87 -12.70
N THR C 28 -33.65 11.92 -12.09
CA THR C 28 -33.96 11.55 -10.70
C THR C 28 -33.47 12.65 -9.74
N PHE C 29 -34.38 13.60 -9.46
CA PHE C 29 -34.10 14.71 -8.56
C PHE C 29 -33.64 14.22 -7.19
N SER C 30 -34.30 13.17 -6.71
CA SER C 30 -34.03 12.60 -5.38
C SER C 30 -32.60 12.07 -5.20
N SER C 31 -31.91 11.80 -6.31
CA SER C 31 -30.53 11.34 -6.28
C SER C 31 -29.54 12.40 -6.79
N SER C 32 -30.00 13.63 -6.97
CA SER C 32 -29.21 14.65 -7.63
C SER C 32 -28.86 15.82 -6.74
N TRP C 33 -27.67 16.39 -6.95
CA TRP C 33 -27.25 17.61 -6.27
C TRP C 33 -27.84 18.82 -6.97
N MET C 34 -28.07 19.89 -6.21
CA MET C 34 -28.61 21.13 -6.75
C MET C 34 -27.84 22.30 -6.19
N ASN C 35 -27.27 23.10 -7.09
CA ASN C 35 -26.45 24.26 -6.73
C ASN C 35 -27.20 25.56 -6.94
N TRP C 36 -26.73 26.62 -6.29
CA TRP C 36 -27.32 27.95 -6.39
C TRP C 36 -26.22 28.99 -6.64
N VAL C 37 -26.46 29.91 -7.57
CA VAL C 37 -25.43 30.84 -8.01
C VAL C 37 -25.98 32.27 -8.14
N LYS C 38 -25.37 33.20 -7.40
CA LYS C 38 -25.72 34.62 -7.43
C LYS C 38 -24.98 35.31 -8.57
N GLN C 39 -25.65 36.25 -9.23
CA GLN C 39 -25.05 37.12 -10.25
C GLN C 39 -25.62 38.53 -10.16
N ARG C 40 -24.89 39.43 -9.51
CA ARG C 40 -25.33 40.83 -9.44
C ARG C 40 -25.18 41.43 -10.83
N PRO C 41 -26.23 42.15 -11.31
CA PRO C 41 -26.15 42.77 -12.64
C PRO C 41 -24.86 43.53 -12.82
N GLY C 42 -24.17 43.28 -13.93
CA GLY C 42 -22.85 43.85 -14.18
C GLY C 42 -21.74 42.88 -13.81
N LYS C 43 -21.67 42.53 -12.52
CA LYS C 43 -20.62 41.63 -12.01
C LYS C 43 -20.70 40.16 -12.51
N GLY C 44 -19.70 39.36 -12.12
CA GLY C 44 -19.57 37.97 -12.55
C GLY C 44 -20.43 37.01 -11.75
N LEU C 45 -19.94 35.79 -11.55
CA LEU C 45 -20.71 34.72 -10.94
C LEU C 45 -20.16 34.32 -9.58
N GLU C 46 -21.07 33.98 -8.66
CA GLU C 46 -20.71 33.66 -7.28
C GLU C 46 -21.50 32.42 -6.85
N TRP C 47 -20.82 31.47 -6.23
CA TRP C 47 -21.40 30.18 -5.84
C TRP C 47 -21.86 30.24 -4.38
N ILE C 48 -23.11 29.87 -4.15
CA ILE C 48 -23.76 30.01 -2.83
C ILE C 48 -23.63 28.73 -2.00
N GLY C 49 -24.00 27.61 -2.60
CA GLY C 49 -23.94 26.33 -1.92
C GLY C 49 -24.51 25.24 -2.80
N ARG C 50 -24.62 24.04 -2.25
CA ARG C 50 -25.27 22.93 -2.95
C ARG C 50 -25.82 21.89 -1.99
N ILE C 51 -26.84 21.16 -2.45
CA ILE C 51 -27.61 20.30 -1.57
C ILE C 51 -27.93 18.96 -2.23
N TYR C 52 -27.78 17.88 -1.46
CA TYR C 52 -28.23 16.56 -1.90
C TYR C 52 -29.71 16.47 -1.61
N SER C 53 -30.50 16.30 -2.66
CA SER C 53 -31.96 16.29 -2.54
C SER C 53 -32.48 15.10 -1.76
N GLY C 54 -31.81 13.96 -1.90
CA GLY C 54 -32.16 12.73 -1.19
C GLY C 54 -32.41 12.90 0.30
N ASP C 55 -31.54 13.65 0.97
CA ASP C 55 -31.63 13.87 2.43
C ASP C 55 -31.57 15.34 2.88
N GLY C 56 -31.32 16.26 1.96
CA GLY C 56 -31.27 17.68 2.31
C GLY C 56 -29.98 18.09 2.98
N ASP C 57 -29.02 17.19 3.08
CA ASP C 57 -27.70 17.53 3.58
C ASP C 57 -27.07 18.50 2.58
N ALA C 58 -26.61 19.66 3.07
CA ALA C 58 -26.10 20.71 2.18
C ALA C 58 -24.75 21.30 2.62
N ILE C 59 -24.03 21.85 1.64
CA ILE C 59 -22.73 22.46 1.83
C ILE C 59 -22.81 23.92 1.41
N TYR C 60 -22.57 24.83 2.35
CA TYR C 60 -22.65 26.26 2.08
C TYR C 60 -21.28 26.89 1.79
N ASN C 61 -21.29 27.91 0.95
CA ASN C 61 -20.17 28.83 0.86
C ASN C 61 -20.09 29.56 2.21
N GLY C 62 -18.89 29.92 2.64
CA GLY C 62 -18.73 30.60 3.92
C GLY C 62 -19.46 31.93 3.95
N LYS C 63 -19.49 32.61 2.79
CA LYS C 63 -20.08 33.92 2.66
C LYS C 63 -21.61 33.89 2.74
N PHE C 64 -22.20 32.72 2.50
CA PHE C 64 -23.64 32.54 2.62
C PHE C 64 -24.05 31.64 3.80
N LYS C 65 -23.08 30.97 4.41
CA LYS C 65 -23.32 30.19 5.61
C LYS C 65 -23.80 31.17 6.66
N GLY C 66 -25.09 31.09 6.97
CA GLY C 66 -25.73 32.04 7.88
C GLY C 66 -26.83 32.86 7.22
N LYS C 67 -26.77 33.00 5.89
CA LYS C 67 -27.75 33.82 5.16
C LYS C 67 -28.66 33.00 4.25
N ALA C 68 -28.07 32.14 3.42
CA ALA C 68 -28.84 31.26 2.55
C ALA C 68 -29.22 30.00 3.32
N THR C 69 -30.49 29.61 3.21
CA THR C 69 -30.94 28.28 3.66
C THR C 69 -31.37 27.50 2.43
N LEU C 70 -30.88 26.27 2.33
CA LEU C 70 -31.22 25.35 1.25
C LEU C 70 -32.09 24.22 1.78
N THR C 71 -33.09 23.83 1.00
CA THR C 71 -33.99 22.72 1.34
C THR C 71 -34.47 22.03 0.08
N ALA C 72 -34.89 20.77 0.22
CA ALA C 72 -35.30 19.96 -0.92
C ALA C 72 -36.62 19.21 -0.64
N ASP C 73 -37.57 19.33 -1.55
CA ASP C 73 -38.85 18.64 -1.42
C ASP C 73 -38.94 17.56 -2.50
N LYS C 74 -38.86 16.30 -2.07
CA LYS C 74 -38.91 15.18 -3.00
C LYS C 74 -40.30 14.97 -3.59
N SER C 75 -41.35 15.31 -2.85
CA SER C 75 -42.72 15.19 -3.36
C SER C 75 -43.06 16.26 -4.41
N SER C 76 -42.36 17.39 -4.37
CA SER C 76 -42.49 18.45 -5.39
C SER C 76 -41.44 18.31 -6.48
N SER C 77 -40.40 17.52 -6.21
CA SER C 77 -39.14 17.59 -6.94
C SER C 77 -38.71 19.05 -7.11
N THR C 78 -38.79 19.79 -6.00
CA THR C 78 -38.47 21.21 -5.98
C THR C 78 -37.33 21.50 -5.00
N ALA C 79 -36.29 22.16 -5.50
CA ALA C 79 -35.25 22.73 -4.65
C ALA C 79 -35.63 24.17 -4.30
N TYR C 80 -35.28 24.58 -3.09
CA TYR C 80 -35.62 25.91 -2.59
C TYR C 80 -34.39 26.63 -2.08
N MET C 81 -34.38 27.95 -2.19
CA MET C 81 -33.38 28.79 -1.55
C MET C 81 -34.06 29.91 -0.77
N GLN C 82 -33.52 30.18 0.42
CA GLN C 82 -34.14 31.05 1.40
C GLN C 82 -33.10 32.06 1.89
N LEU C 83 -33.37 33.35 1.70
CA LEU C 83 -32.45 34.42 2.08
C LEU C 83 -33.05 35.32 3.15
N SER C 84 -32.28 35.57 4.21
CA SER C 84 -32.75 36.37 5.35
C SER C 84 -32.08 37.73 5.43
N SER C 85 -32.70 38.64 6.16
CA SER C 85 -32.17 39.99 6.37
C SER C 85 -31.72 40.58 5.05
N LEU C 86 -32.65 40.65 4.11
CA LEU C 86 -32.36 41.10 2.75
C LEU C 86 -31.87 42.55 2.71
N THR C 87 -31.07 42.83 1.70
CA THR C 87 -30.40 44.11 1.56
C THR C 87 -30.30 44.44 0.08
N SER C 88 -30.21 45.73 -0.25
CA SER C 88 -30.12 46.17 -1.65
C SER C 88 -29.14 45.30 -2.44
N GLU C 89 -28.02 44.95 -1.84
CA GLU C 89 -27.04 44.16 -2.57
C GLU C 89 -27.19 42.65 -2.46
N ASP C 90 -28.38 42.22 -2.04
CA ASP C 90 -28.90 40.91 -2.39
C ASP C 90 -29.72 41.02 -3.68
N SER C 91 -29.90 42.23 -4.18
CA SER C 91 -30.55 42.40 -5.47
C SER C 91 -29.66 41.80 -6.53
N ALA C 92 -30.10 40.68 -7.09
CA ALA C 92 -29.34 39.97 -8.12
C ALA C 92 -30.22 38.94 -8.80
N VAL C 93 -29.68 38.31 -9.84
CA VAL C 93 -30.32 37.15 -10.47
C VAL C 93 -29.72 35.88 -9.84
N TYR C 94 -30.57 35.07 -9.21
CA TYR C 94 -30.12 33.84 -8.57
C TYR C 94 -30.47 32.65 -9.44
N PHE C 95 -29.46 31.85 -9.78
CA PHE C 95 -29.63 30.70 -10.66
C PHE C 95 -29.81 29.39 -9.88
N CYS C 96 -30.29 28.39 -10.62
CA CYS C 96 -30.51 27.04 -10.11
C CYS C 96 -29.66 26.18 -11.04
N ALA C 97 -28.96 25.18 -10.53
CA ALA C 97 -28.18 24.29 -11.41
C ALA C 97 -27.83 22.93 -10.81
N ARG C 98 -28.07 21.89 -11.59
CA ARG C 98 -27.90 20.49 -11.16
C ARG C 98 -26.56 19.89 -11.61
N GLU C 99 -26.07 18.92 -10.84
CA GLU C 99 -24.88 18.17 -11.22
C GLU C 99 -25.27 16.87 -11.89
N GLY C 100 -24.28 16.15 -12.41
CA GLY C 100 -24.51 14.86 -13.05
C GLY C 100 -24.85 13.78 -12.05
N LYS C 101 -25.09 12.57 -12.57
CA LYS C 101 -25.58 11.44 -11.78
C LYS C 101 -24.69 11.13 -10.59
N THR C 102 -23.39 10.99 -10.85
CA THR C 102 -22.42 10.57 -9.85
C THR C 102 -22.03 11.70 -8.90
N GLY C 103 -22.60 12.88 -9.10
CA GLY C 103 -22.21 14.07 -8.34
C GLY C 103 -20.90 14.66 -8.84
N ASP C 104 -20.66 14.56 -10.14
CA ASP C 104 -19.48 15.17 -10.74
C ASP C 104 -19.65 16.67 -10.66
N LEU C 105 -18.73 17.35 -10.01
CA LEU C 105 -18.95 18.72 -9.55
C LEU C 105 -19.02 19.71 -10.71
N LEU C 106 -20.00 19.52 -11.58
CA LEU C 106 -20.14 20.26 -12.83
C LEU C 106 -21.57 20.70 -12.99
N LEU C 107 -21.77 21.97 -13.36
CA LEU C 107 -23.10 22.54 -13.47
C LEU C 107 -23.62 22.31 -14.89
N ARG C 108 -24.43 21.27 -15.03
CA ARG C 108 -24.85 20.74 -16.34
C ARG C 108 -26.01 21.50 -16.95
N SER C 109 -27.07 21.67 -16.16
CA SER C 109 -28.31 22.25 -16.63
C SER C 109 -28.72 23.35 -15.68
N TRP C 110 -29.11 24.49 -16.23
CA TRP C 110 -29.46 25.64 -15.42
C TRP C 110 -30.91 26.01 -15.60
N GLY C 111 -31.44 26.77 -14.66
CA GLY C 111 -32.73 27.41 -14.82
C GLY C 111 -32.56 28.78 -15.43
N GLN C 112 -33.68 29.40 -15.79
CA GLN C 112 -33.71 30.74 -16.36
C GLN C 112 -33.07 31.74 -15.41
N GLY C 113 -33.29 31.52 -14.12
CA GLY C 113 -32.79 32.41 -13.08
C GLY C 113 -33.97 33.07 -12.40
N SER C 114 -33.71 33.78 -11.32
CA SER C 114 -34.75 34.51 -10.60
C SER C 114 -34.24 35.89 -10.19
N ALA C 115 -34.79 36.92 -10.81
CA ALA C 115 -34.41 38.31 -10.52
C ALA C 115 -35.01 38.80 -9.21
N LEU C 116 -34.26 38.68 -8.13
CA LEU C 116 -34.64 39.26 -6.85
C LEU C 116 -34.17 40.71 -6.81
N THR C 117 -35.00 41.57 -6.22
CA THR C 117 -34.64 42.98 -6.04
C THR C 117 -35.21 43.49 -4.73
N VAL C 118 -34.34 44.06 -3.90
CA VAL C 118 -34.69 44.53 -2.56
C VAL C 118 -34.75 46.06 -2.57
N SER C 119 -35.94 46.60 -2.32
CA SER C 119 -36.14 48.05 -2.35
C SER C 119 -37.39 48.45 -1.57
N SER C 120 -37.34 49.62 -0.95
CA SER C 120 -38.53 50.21 -0.30
C SER C 120 -39.43 50.91 -1.31
N ALA C 121 -38.90 51.19 -2.51
CA ALA C 121 -39.66 51.84 -3.57
C ALA C 121 -40.97 51.13 -3.88
N LYS C 122 -42.03 51.93 -4.02
CA LYS C 122 -43.38 51.47 -4.36
C LYS C 122 -43.46 51.07 -5.83
N THR C 123 -44.25 50.03 -6.12
CA THR C 123 -44.48 49.59 -7.50
C THR C 123 -45.22 50.70 -8.27
N THR C 124 -44.70 51.03 -9.45
CA THR C 124 -45.21 52.17 -10.22
C THR C 124 -45.35 51.81 -11.70
N ALA C 125 -46.57 51.97 -12.23
CA ALA C 125 -46.82 51.76 -13.65
C ALA C 125 -46.09 52.81 -14.46
N PRO C 126 -45.64 52.45 -15.68
CA PRO C 126 -44.86 53.40 -16.46
C PRO C 126 -45.73 54.49 -17.08
N SER C 127 -45.07 55.41 -17.79
CA SER C 127 -45.71 56.32 -18.71
C SER C 127 -45.08 56.03 -20.07
N VAL C 128 -45.90 55.88 -21.10
CA VAL C 128 -45.39 55.59 -22.45
C VAL C 128 -45.65 56.78 -23.37
N TYR C 129 -44.57 57.31 -23.95
CA TYR C 129 -44.66 58.46 -24.84
C TYR C 129 -44.19 58.08 -26.25
N PRO C 130 -45.02 58.35 -27.27
CA PRO C 130 -44.59 58.10 -28.65
C PRO C 130 -43.68 59.21 -29.13
N LEU C 131 -42.63 58.84 -29.87
CA LEU C 131 -41.65 59.81 -30.35
C LEU C 131 -41.63 59.85 -31.87
N VAL C 132 -42.49 60.70 -32.44
CA VAL C 132 -42.46 60.96 -33.88
C VAL C 132 -41.41 62.02 -34.20
N PRO C 133 -40.93 62.08 -35.46
CA PRO C 133 -39.86 63.01 -35.85
C PRO C 133 -40.27 64.49 -35.86
N VAL C 134 -39.40 65.35 -36.41
CA VAL C 134 -39.69 66.78 -36.54
C VAL C 134 -39.35 67.28 -37.95
N SER C 141 -34.61 57.60 -49.08
CA SER C 141 -34.74 58.08 -47.72
C SER C 141 -35.34 57.02 -46.81
N SER C 142 -35.22 57.25 -45.50
CA SER C 142 -35.74 56.33 -44.48
C SER C 142 -36.02 57.10 -43.20
N VAL C 143 -37.02 56.64 -42.46
CA VAL C 143 -37.45 57.31 -41.23
C VAL C 143 -37.19 56.42 -40.03
N THR C 144 -36.95 57.03 -38.88
CA THR C 144 -36.81 56.31 -37.62
C THR C 144 -37.79 56.88 -36.59
N LEU C 145 -38.48 55.99 -35.88
CA LEU C 145 -39.47 56.38 -34.89
C LEU C 145 -38.99 55.97 -33.51
N GLY C 146 -39.71 56.40 -32.47
CA GLY C 146 -39.30 56.12 -31.10
C GLY C 146 -40.44 55.94 -30.11
N CYS C 147 -40.10 55.40 -28.95
CA CYS C 147 -41.03 55.20 -27.85
C CYS C 147 -40.25 55.41 -26.55
N LEU C 148 -40.88 56.10 -25.59
CA LEU C 148 -40.24 56.40 -24.30
C LEU C 148 -41.06 55.86 -23.13
N VAL C 149 -40.55 54.79 -22.52
CA VAL C 149 -41.14 54.23 -21.30
C VAL C 149 -40.37 54.82 -20.12
N LYS C 150 -41.08 55.57 -19.27
CA LYS C 150 -40.46 56.35 -18.20
C LYS C 150 -41.16 56.16 -16.86
N GLY C 151 -40.36 56.14 -15.79
CA GLY C 151 -40.87 56.22 -14.42
C GLY C 151 -41.59 54.99 -13.92
N TYR C 152 -41.02 53.82 -14.19
CA TYR C 152 -41.62 52.54 -13.75
C TYR C 152 -40.74 51.83 -12.72
N PHE C 153 -41.36 50.95 -11.95
CA PHE C 153 -40.69 50.15 -10.93
C PHE C 153 -41.60 48.99 -10.51
N PRO C 154 -41.04 47.77 -10.39
CA PRO C 154 -39.67 47.31 -10.57
C PRO C 154 -39.38 46.99 -12.05
N GLU C 155 -38.42 46.10 -12.32
CA GLU C 155 -38.22 45.58 -13.66
C GLU C 155 -38.84 44.18 -13.73
N PRO C 156 -39.08 43.66 -14.94
CA PRO C 156 -38.81 44.23 -16.26
C PRO C 156 -40.03 44.88 -16.93
N VAL C 157 -39.86 45.24 -18.20
CA VAL C 157 -40.96 45.63 -19.06
C VAL C 157 -40.75 45.04 -20.46
N THR C 158 -41.84 44.71 -21.14
CA THR C 158 -41.80 44.19 -22.51
C THR C 158 -42.15 45.29 -23.50
N LEU C 159 -41.24 45.57 -24.43
CA LEU C 159 -41.52 46.49 -25.52
C LEU C 159 -41.50 45.74 -26.85
N THR C 160 -42.51 45.99 -27.68
CA THR C 160 -42.54 45.47 -29.04
C THR C 160 -43.20 46.49 -29.96
N TRP C 161 -42.82 46.45 -31.23
CA TRP C 161 -43.45 47.27 -32.25
C TRP C 161 -44.42 46.41 -33.04
N ASN C 162 -45.63 46.92 -33.23
CA ASN C 162 -46.70 46.20 -33.93
C ASN C 162 -46.90 44.78 -33.37
N SER C 163 -46.75 44.65 -32.06
CA SER C 163 -46.92 43.36 -31.37
C SER C 163 -46.00 42.25 -31.88
N GLY C 164 -44.80 42.62 -32.31
CA GLY C 164 -43.82 41.68 -32.86
C GLY C 164 -43.71 41.70 -34.37
N SER C 165 -44.78 42.16 -35.04
CA SER C 165 -44.85 42.20 -36.51
C SER C 165 -43.64 42.88 -37.15
N LEU C 166 -43.11 43.91 -36.51
CA LEU C 166 -41.89 44.58 -36.97
C LEU C 166 -40.81 44.48 -35.89
N SER C 167 -39.80 43.67 -36.15
CA SER C 167 -38.70 43.44 -35.20
C SER C 167 -37.32 43.79 -35.79
N SER C 168 -37.13 43.54 -37.08
CA SER C 168 -35.89 43.94 -37.74
C SER C 168 -35.76 45.47 -37.80
N GLY C 169 -34.54 45.96 -37.72
CA GLY C 169 -34.28 47.39 -37.67
C GLY C 169 -34.83 48.03 -36.41
N VAL C 170 -34.75 47.31 -35.29
CA VAL C 170 -35.20 47.81 -33.99
C VAL C 170 -34.03 47.85 -33.00
N HIS C 171 -34.04 48.82 -32.10
CA HIS C 171 -33.04 48.93 -31.04
C HIS C 171 -33.67 49.31 -29.70
N THR C 172 -34.07 48.33 -28.89
CA THR C 172 -34.55 48.61 -27.53
C THR C 172 -33.35 48.65 -26.59
N PHE C 173 -33.29 49.70 -25.79
CA PHE C 173 -32.11 49.96 -24.96
C PHE C 173 -32.37 49.54 -23.51
N PRO C 174 -31.33 49.04 -22.82
CA PRO C 174 -31.42 48.69 -21.40
C PRO C 174 -31.94 49.84 -20.54
N ALA C 175 -32.76 49.50 -19.54
CA ALA C 175 -33.32 50.50 -18.64
C ALA C 175 -32.26 51.09 -17.72
N LEU C 176 -32.43 52.36 -17.36
CA LEU C 176 -31.53 53.06 -16.42
C LEU C 176 -32.32 53.68 -15.28
N LEU C 177 -31.70 53.76 -14.10
CA LEU C 177 -32.34 54.34 -12.92
C LEU C 177 -32.26 55.86 -12.90
N GLN C 178 -33.35 56.48 -12.46
CA GLN C 178 -33.52 57.94 -12.43
C GLN C 178 -34.39 58.26 -11.22
N SER C 179 -33.75 58.44 -10.07
CA SER C 179 -34.46 58.60 -8.79
C SER C 179 -35.40 57.43 -8.52
N GLY C 180 -34.82 56.28 -8.18
CA GLY C 180 -35.59 55.07 -7.81
C GLY C 180 -36.71 54.68 -8.75
N LEU C 181 -36.57 55.01 -10.03
CA LEU C 181 -37.54 54.64 -11.06
C LEU C 181 -36.80 54.31 -12.36
N TYR C 182 -37.28 53.31 -13.08
CA TYR C 182 -36.62 52.88 -14.31
C TYR C 182 -37.19 53.61 -15.52
N THR C 183 -36.35 53.78 -16.55
CA THR C 183 -36.79 54.38 -17.81
C THR C 183 -35.96 53.81 -18.97
N LEU C 184 -36.62 53.55 -20.09
CA LEU C 184 -35.93 53.01 -21.25
C LEU C 184 -36.62 53.45 -22.53
N SER C 185 -35.86 53.39 -23.64
CA SER C 185 -36.36 53.81 -24.93
C SER C 185 -36.16 52.71 -25.97
N SER C 186 -36.79 52.88 -27.13
CA SER C 186 -36.59 51.97 -28.25
C SER C 186 -36.66 52.72 -29.57
N SER C 187 -35.77 52.34 -30.49
CA SER C 187 -35.74 52.89 -31.83
C SER C 187 -36.26 51.86 -32.83
N VAL C 188 -36.94 52.35 -33.86
CA VAL C 188 -37.37 51.53 -34.99
C VAL C 188 -37.22 52.37 -36.25
N THR C 189 -36.44 51.88 -37.21
CA THR C 189 -36.25 52.58 -38.47
C THR C 189 -36.85 51.73 -39.59
N VAL C 190 -37.81 52.29 -40.31
CA VAL C 190 -38.64 51.51 -41.24
C VAL C 190 -38.21 51.64 -42.71
N THR C 191 -38.66 52.70 -43.40
CA THR C 191 -38.39 52.81 -44.85
C THR C 191 -38.72 54.18 -45.46
N SER C 192 -39.75 54.85 -44.95
CA SER C 192 -40.27 56.14 -45.48
C SER C 192 -41.46 55.88 -46.40
N ASN C 193 -41.31 54.91 -47.30
CA ASN C 193 -42.42 54.50 -48.16
C ASN C 193 -43.41 53.54 -47.44
N THR C 194 -43.36 53.51 -46.11
CA THR C 194 -44.42 52.87 -45.29
C THR C 194 -44.87 53.72 -44.08
N TRP C 195 -44.09 54.73 -43.69
CA TRP C 195 -44.51 55.66 -42.64
C TRP C 195 -44.74 57.06 -43.24
N PRO C 196 -45.85 57.73 -42.85
CA PRO C 196 -46.98 57.27 -42.04
C PRO C 196 -48.07 56.51 -42.81
N SER C 197 -47.75 56.06 -44.03
CA SER C 197 -48.69 55.28 -44.85
C SER C 197 -49.36 54.21 -44.00
N GLN C 198 -48.53 53.36 -43.40
CA GLN C 198 -48.96 52.27 -42.53
C GLN C 198 -48.73 52.66 -41.08
N THR C 199 -49.75 52.49 -40.23
CA THR C 199 -49.62 52.77 -38.80
C THR C 199 -48.60 51.86 -38.12
N ILE C 200 -47.93 52.40 -37.12
CA ILE C 200 -46.94 51.69 -36.31
C ILE C 200 -47.18 52.01 -34.84
N THR C 201 -47.18 51.00 -33.98
CA THR C 201 -47.44 51.21 -32.56
C THR C 201 -46.41 50.51 -31.67
N CYS C 202 -45.92 51.24 -30.68
CA CYS C 202 -45.06 50.71 -29.62
C CYS C 202 -45.95 50.08 -28.54
N ASN C 203 -45.73 48.80 -28.26
CA ASN C 203 -46.51 48.06 -27.26
C ASN C 203 -45.68 47.81 -25.99
N VAL C 204 -46.01 48.52 -24.92
CA VAL C 204 -45.28 48.40 -23.66
C VAL C 204 -46.12 47.62 -22.65
N ALA C 205 -45.48 46.70 -21.95
CA ALA C 205 -46.12 45.89 -20.93
C ALA C 205 -45.30 45.95 -19.64
N HIS C 206 -45.96 46.25 -18.52
CA HIS C 206 -45.32 46.27 -17.20
C HIS C 206 -46.10 45.38 -16.24
N PRO C 207 -45.75 44.07 -16.17
CA PRO C 207 -46.52 43.09 -15.41
C PRO C 207 -46.72 43.41 -13.93
N ALA C 208 -45.73 43.99 -13.29
CA ALA C 208 -45.79 44.30 -11.85
C ALA C 208 -47.01 45.16 -11.50
N SER C 209 -47.37 46.08 -12.38
CA SER C 209 -48.58 46.90 -12.24
C SER C 209 -49.71 46.40 -13.15
N SER C 210 -49.57 45.19 -13.67
CA SER C 210 -50.54 44.58 -14.60
C SER C 210 -50.85 45.45 -15.83
N THR C 211 -49.93 46.33 -16.19
CA THR C 211 -50.18 47.37 -17.20
C THR C 211 -49.80 46.92 -18.61
N LYS C 212 -50.76 47.06 -19.54
CA LYS C 212 -50.51 46.88 -20.96
C LYS C 212 -50.93 48.16 -21.67
N VAL C 213 -50.09 48.61 -22.59
CA VAL C 213 -50.33 49.86 -23.31
C VAL C 213 -49.78 49.83 -24.73
N ASP C 214 -50.61 50.25 -25.69
CA ASP C 214 -50.21 50.44 -27.07
C ASP C 214 -50.27 51.93 -27.35
N LYS C 215 -49.22 52.47 -27.97
CA LYS C 215 -49.20 53.88 -28.33
C LYS C 215 -48.88 54.04 -29.81
N LYS C 216 -49.89 54.45 -30.57
CA LYS C 216 -49.74 54.73 -31.99
C LYS C 216 -48.87 55.97 -32.15
N ILE C 217 -47.86 55.89 -33.02
CA ILE C 217 -47.00 57.02 -33.32
C ILE C 217 -47.75 57.89 -34.33
N GLU C 218 -47.41 59.19 -34.38
CA GLU C 218 -47.94 60.11 -35.41
C GLU C 218 -47.27 61.49 -35.32
N PRO C 219 -47.14 62.18 -36.47
CA PRO C 219 -46.41 63.46 -36.50
C PRO C 219 -47.16 64.64 -35.87
N ARG C 220 -48.47 64.69 -36.09
CA ARG C 220 -49.35 65.78 -35.58
C ARG C 220 -48.60 66.94 -34.93
N ASP D 1 -9.90 30.40 -0.07
CA ASP D 1 -10.66 30.40 -1.35
C ASP D 1 -9.70 30.62 -2.51
N ILE D 2 -9.81 29.79 -3.54
CA ILE D 2 -9.04 29.98 -4.77
C ILE D 2 -9.54 31.22 -5.50
N VAL D 3 -8.63 31.97 -6.11
CA VAL D 3 -8.99 33.11 -6.93
C VAL D 3 -8.69 32.77 -8.39
N LEU D 4 -9.69 32.94 -9.24
CA LEU D 4 -9.54 32.77 -10.68
C LEU D 4 -9.43 34.14 -11.31
N THR D 5 -8.32 34.38 -11.99
CA THR D 5 -8.07 35.64 -12.67
C THR D 5 -8.02 35.34 -14.15
N GLN D 6 -8.98 35.88 -14.89
CA GLN D 6 -8.99 35.73 -16.35
C GLN D 6 -8.35 36.93 -17.03
N SER D 7 -8.00 36.73 -18.30
CA SER D 7 -7.50 37.80 -19.15
C SER D 7 -7.62 37.40 -20.63
N PRO D 8 -7.85 38.37 -21.52
CA PRO D 8 -8.01 39.78 -21.23
C PRO D 8 -9.42 40.08 -20.73
N ALA D 9 -9.63 41.29 -20.20
CA ALA D 9 -10.95 41.69 -19.72
C ALA D 9 -11.97 41.53 -20.83
N SER D 10 -11.66 42.08 -22.00
CA SER D 10 -12.50 41.99 -23.19
C SER D 10 -11.67 41.72 -24.43
N LEU D 11 -12.31 41.11 -25.43
CA LEU D 11 -11.64 40.63 -26.63
C LEU D 11 -12.56 40.81 -27.83
N SER D 12 -11.96 40.96 -29.01
CA SER D 12 -12.73 41.15 -30.24
C SER D 12 -11.95 40.66 -31.45
N VAL D 13 -12.48 39.63 -32.11
CA VAL D 13 -11.83 39.02 -33.28
C VAL D 13 -12.79 38.95 -34.46
N SER D 14 -12.26 39.03 -35.67
CA SER D 14 -13.07 38.96 -36.88
C SER D 14 -13.64 37.57 -37.03
N LEU D 15 -14.69 37.44 -37.82
CA LEU D 15 -15.16 36.12 -38.21
C LEU D 15 -14.02 35.51 -39.05
N GLY D 16 -13.17 34.72 -38.40
CA GLY D 16 -11.97 34.18 -39.06
C GLY D 16 -11.54 32.85 -38.47
N GLN D 17 -10.83 32.80 -37.33
CA GLN D 17 -9.98 33.83 -36.69
C GLN D 17 -9.83 33.39 -35.24
N ARG D 18 -8.60 33.44 -34.72
CA ARG D 18 -8.33 32.89 -33.39
C ARG D 18 -8.75 33.83 -32.25
N ALA D 19 -9.59 33.30 -31.36
CA ALA D 19 -9.82 33.90 -30.05
C ALA D 19 -9.21 32.96 -29.00
N THR D 20 -8.42 33.53 -28.09
CA THR D 20 -7.71 32.71 -27.10
C THR D 20 -7.69 33.41 -25.74
N ILE D 21 -8.38 32.81 -24.78
CA ILE D 21 -8.61 33.40 -23.45
C ILE D 21 -7.79 32.68 -22.39
N SER D 22 -7.27 33.41 -21.41
CA SER D 22 -6.43 32.83 -20.37
C SER D 22 -7.11 32.85 -19.00
N CYS D 23 -6.50 32.15 -18.05
CA CYS D 23 -7.08 32.00 -16.72
C CYS D 23 -6.03 31.52 -15.71
N ARG D 24 -5.99 32.16 -14.54
CA ARG D 24 -4.95 31.88 -13.56
C ARG D 24 -5.56 31.64 -12.17
N ALA D 25 -5.13 30.56 -11.52
CA ALA D 25 -5.66 30.20 -10.19
C ALA D 25 -4.66 30.56 -9.08
N SER D 26 -5.18 30.85 -7.89
CA SER D 26 -4.35 31.09 -6.70
C SER D 26 -3.42 29.92 -6.43
N LYS D 27 -3.97 28.71 -6.48
CA LYS D 27 -3.19 27.49 -6.32
C LYS D 27 -3.66 26.40 -7.28
N SER D 28 -2.81 25.38 -7.42
CA SER D 28 -3.02 24.30 -8.38
C SER D 28 -4.40 23.68 -8.25
N VAL D 29 -5.19 23.81 -9.30
CA VAL D 29 -6.50 23.20 -9.37
C VAL D 29 -6.39 21.80 -10.01
N SER D 30 -5.27 21.11 -9.78
CA SER D 30 -4.96 19.90 -10.54
C SER D 30 -4.39 18.76 -9.69
N THR D 31 -4.86 17.55 -9.96
CA THR D 31 -4.35 16.36 -9.28
C THR D 31 -3.41 15.60 -10.22
N SER D 32 -3.05 14.38 -9.86
CA SER D 32 -2.17 13.56 -10.70
C SER D 32 -2.81 13.23 -12.04
N ILE D 33 -4.14 13.11 -12.07
CA ILE D 33 -4.84 12.66 -13.27
C ILE D 33 -5.99 13.57 -13.77
N TYR D 34 -6.17 14.74 -13.14
CA TYR D 34 -7.29 15.65 -13.48
C TYR D 34 -7.06 17.11 -13.12
N SER D 35 -7.96 17.94 -13.63
CA SER D 35 -8.14 19.34 -13.24
C SER D 35 -9.37 19.69 -14.05
N TYR D 36 -10.57 19.98 -13.51
CA TYR D 36 -10.96 20.62 -12.22
C TYR D 36 -11.06 22.13 -12.43
N MET D 37 -10.57 22.59 -13.58
CA MET D 37 -10.94 23.88 -14.15
C MET D 37 -11.86 23.59 -15.34
N HIS D 38 -12.95 24.34 -15.42
CA HIS D 38 -13.96 24.15 -16.47
C HIS D 38 -14.32 25.51 -17.07
N TRP D 39 -14.97 25.47 -18.23
CA TRP D 39 -15.28 26.69 -18.98
C TRP D 39 -16.76 26.80 -19.28
N TYR D 40 -17.34 27.95 -18.91
CA TYR D 40 -18.74 28.24 -19.18
C TYR D 40 -18.90 29.38 -20.20
N GLN D 41 -20.00 29.32 -20.96
CA GLN D 41 -20.39 30.36 -21.92
C GLN D 41 -21.70 30.99 -21.44
N GLN D 42 -21.76 32.31 -21.47
CA GLN D 42 -23.00 33.04 -21.13
C GLN D 42 -23.34 34.09 -22.17
N LYS D 43 -24.63 34.28 -22.40
CA LYS D 43 -25.14 35.33 -23.28
C LYS D 43 -26.19 36.14 -22.52
N PRO D 44 -26.29 37.45 -22.82
CA PRO D 44 -27.29 38.32 -22.20
C PRO D 44 -28.66 37.65 -22.03
N GLY D 45 -29.16 37.68 -20.80
CA GLY D 45 -30.48 37.11 -20.49
C GLY D 45 -30.48 35.62 -20.21
N GLN D 46 -29.56 34.89 -20.81
CA GLN D 46 -29.51 33.43 -20.67
C GLN D 46 -28.69 33.02 -19.46
N PRO D 47 -28.86 31.75 -19.01
CA PRO D 47 -27.99 31.21 -17.98
C PRO D 47 -26.67 30.77 -18.59
N PRO D 48 -25.62 30.60 -17.77
CA PRO D 48 -24.37 30.06 -18.30
C PRO D 48 -24.51 28.62 -18.84
N LYS D 49 -23.57 28.22 -19.70
CA LYS D 49 -23.61 26.92 -20.36
C LYS D 49 -22.21 26.27 -20.31
N LEU D 50 -22.16 25.01 -19.91
CA LEU D 50 -20.89 24.28 -19.81
C LEU D 50 -20.40 23.88 -21.20
N LEU D 51 -19.14 24.22 -21.51
CA LEU D 51 -18.54 23.94 -22.81
C LEU D 51 -17.39 22.93 -22.74
N ILE D 52 -16.34 23.31 -22.02
CA ILE D 52 -15.19 22.43 -21.77
C ILE D 52 -15.23 22.01 -20.32
N LYS D 53 -15.09 20.71 -20.08
CA LYS D 53 -15.05 20.19 -18.71
C LYS D 53 -13.73 19.46 -18.47
N TYR D 54 -13.19 19.64 -17.26
CA TYR D 54 -11.88 19.14 -16.85
C TYR D 54 -10.76 19.56 -17.79
N ALA D 55 -10.70 20.86 -18.07
CA ALA D 55 -9.59 21.44 -18.83
C ALA D 55 -9.73 21.33 -20.36
N SER D 56 -9.88 20.10 -20.88
CA SER D 56 -9.82 19.88 -22.34
C SER D 56 -10.97 19.09 -23.00
N TYR D 57 -11.87 18.51 -22.20
CA TYR D 57 -12.93 17.64 -22.76
C TYR D 57 -14.18 18.43 -23.15
N LEU D 58 -14.49 18.43 -24.45
CA LEU D 58 -15.71 19.07 -24.97
C LEU D 58 -16.99 18.45 -24.41
N GLU D 59 -17.88 19.27 -23.87
CA GLU D 59 -19.18 18.79 -23.41
C GLU D 59 -20.03 18.46 -24.64
N SER D 60 -20.89 17.45 -24.50
CA SER D 60 -21.68 16.93 -25.62
C SER D 60 -22.45 18.01 -26.38
N GLY D 61 -22.44 17.91 -27.70
CA GLY D 61 -23.15 18.87 -28.56
C GLY D 61 -22.52 20.25 -28.61
N VAL D 62 -21.21 20.32 -28.41
CA VAL D 62 -20.48 21.57 -28.48
C VAL D 62 -19.50 21.47 -29.65
N PRO D 63 -19.44 22.52 -30.48
CA PRO D 63 -18.54 22.50 -31.64
C PRO D 63 -17.08 22.15 -31.31
N ALA D 64 -16.40 21.53 -32.27
CA ALA D 64 -15.00 21.15 -32.12
C ALA D 64 -14.06 22.33 -32.27
N ARG D 65 -14.59 23.49 -32.69
CA ARG D 65 -13.82 24.74 -32.74
C ARG D 65 -13.48 25.25 -31.34
N PHE D 66 -14.26 24.82 -30.37
CA PHE D 66 -13.94 25.07 -28.97
C PHE D 66 -12.95 24.03 -28.47
N SER D 67 -11.92 24.49 -27.77
CA SER D 67 -10.84 23.63 -27.28
C SER D 67 -10.19 24.25 -26.06
N GLY D 68 -9.73 23.40 -25.15
CA GLY D 68 -9.12 23.87 -23.89
C GLY D 68 -7.83 23.16 -23.58
N SER D 69 -6.89 23.90 -23.00
CA SER D 69 -5.59 23.35 -22.62
C SER D 69 -5.15 23.99 -21.31
N GLY D 70 -4.27 23.30 -20.59
CA GLY D 70 -3.75 23.81 -19.33
C GLY D 70 -3.54 22.73 -18.28
N SER D 71 -2.94 23.15 -17.17
CA SER D 71 -2.60 22.25 -16.08
C SER D 71 -2.12 23.09 -14.90
N GLY D 72 -2.20 22.54 -13.69
CA GLY D 72 -1.74 23.26 -12.50
C GLY D 72 -2.56 24.51 -12.20
N THR D 73 -2.06 25.67 -12.60
CA THR D 73 -2.76 26.94 -12.35
C THR D 73 -3.05 27.77 -13.61
N ASP D 74 -2.44 27.43 -14.73
CA ASP D 74 -2.62 28.20 -15.98
C ASP D 74 -3.41 27.41 -17.02
N PHE D 75 -4.50 28.01 -17.48
CA PHE D 75 -5.42 27.38 -18.44
C PHE D 75 -5.82 28.33 -19.58
N THR D 76 -6.19 27.75 -20.72
CA THR D 76 -6.47 28.51 -21.93
C THR D 76 -7.64 27.94 -22.72
N LEU D 77 -8.67 28.76 -22.95
CA LEU D 77 -9.75 28.42 -23.87
C LEU D 77 -9.34 28.87 -25.25
N ASN D 78 -9.79 28.15 -26.28
CA ASN D 78 -9.52 28.54 -27.66
C ASN D 78 -10.74 28.39 -28.57
N ILE D 79 -10.99 29.44 -29.35
CA ILE D 79 -12.08 29.46 -30.31
C ILE D 79 -11.47 29.70 -31.69
N HIS D 80 -11.65 28.72 -32.58
CA HIS D 80 -11.16 28.84 -33.96
C HIS D 80 -11.81 27.79 -34.86
N PRO D 81 -12.55 28.23 -35.90
CA PRO D 81 -12.79 29.61 -36.28
C PRO D 81 -13.85 30.28 -35.43
N VAL D 82 -13.65 31.55 -35.07
CA VAL D 82 -14.67 32.31 -34.34
C VAL D 82 -15.89 32.49 -35.23
N GLU D 83 -17.07 32.50 -34.63
CA GLU D 83 -18.31 32.65 -35.37
C GLU D 83 -19.29 33.58 -34.68
N GLU D 84 -20.13 34.22 -35.50
CA GLU D 84 -21.23 35.07 -35.05
C GLU D 84 -21.75 34.74 -33.64
N GLU D 85 -22.29 33.53 -33.47
CA GLU D 85 -22.97 33.19 -32.22
C GLU D 85 -22.05 32.77 -31.07
N ASP D 86 -20.73 32.86 -31.28
CA ASP D 86 -19.77 32.61 -30.20
C ASP D 86 -19.58 33.86 -29.32
N ALA D 87 -20.09 35.01 -29.78
CA ALA D 87 -20.05 36.24 -28.99
C ALA D 87 -20.74 36.03 -27.65
N ALA D 88 -19.94 36.07 -26.59
CA ALA D 88 -20.43 35.85 -25.23
C ALA D 88 -19.39 36.28 -24.19
N THR D 89 -19.76 36.15 -22.93
CA THR D 89 -18.82 36.27 -21.83
C THR D 89 -18.46 34.85 -21.38
N TYR D 90 -17.17 34.57 -21.25
CA TYR D 90 -16.72 33.24 -20.89
C TYR D 90 -16.13 33.24 -19.49
N TYR D 91 -16.75 32.46 -18.60
CA TYR D 91 -16.27 32.30 -17.23
C TYR D 91 -15.61 30.94 -17.09
N CYS D 92 -14.36 30.95 -16.62
CA CYS D 92 -13.72 29.71 -16.15
C CYS D 92 -14.20 29.47 -14.74
N GLU D 93 -14.18 28.22 -14.30
CA GLU D 93 -14.61 27.87 -12.95
C GLU D 93 -13.95 26.58 -12.51
N HIS D 94 -13.58 26.51 -11.23
CA HIS D 94 -12.91 25.34 -10.68
C HIS D 94 -13.84 24.53 -9.79
N SER D 95 -13.55 23.25 -9.64
CA SER D 95 -14.30 22.38 -8.74
C SER D 95 -13.35 21.54 -7.88
N ARG D 96 -12.20 22.11 -7.56
CA ARG D 96 -11.15 21.41 -6.81
C ARG D 96 -11.49 21.28 -5.34
N GLU D 97 -11.93 22.37 -4.73
CA GLU D 97 -12.28 22.39 -3.32
C GLU D 97 -13.54 23.21 -3.13
N PHE D 98 -13.99 23.32 -1.89
CA PHE D 98 -15.04 24.27 -1.55
C PHE D 98 -14.39 25.56 -1.04
N PRO D 99 -14.97 26.74 -1.38
CA PRO D 99 -16.08 26.94 -2.29
C PRO D 99 -15.59 26.92 -3.73
N PHE D 100 -16.49 26.60 -4.66
CA PHE D 100 -16.20 26.79 -6.08
C PHE D 100 -16.23 28.27 -6.34
N THR D 101 -15.42 28.73 -7.27
CA THR D 101 -15.35 30.15 -7.58
C THR D 101 -15.16 30.32 -9.08
N PHE D 102 -15.74 31.38 -9.61
CA PHE D 102 -15.69 31.64 -11.04
C PHE D 102 -14.64 32.69 -11.35
N GLY D 103 -14.25 32.76 -12.61
CA GLY D 103 -13.31 33.79 -13.06
C GLY D 103 -13.97 35.15 -13.14
N THR D 104 -13.15 36.18 -13.27
CA THR D 104 -13.61 37.56 -13.43
C THR D 104 -14.36 37.74 -14.75
N GLY D 105 -14.07 36.87 -15.72
CA GLY D 105 -14.83 36.81 -16.96
C GLY D 105 -14.11 37.51 -18.10
N THR D 106 -14.40 37.08 -19.32
CA THR D 106 -13.81 37.67 -20.52
C THR D 106 -14.88 37.83 -21.61
N LYS D 107 -15.17 39.06 -22.01
CA LYS D 107 -16.18 39.30 -23.03
C LYS D 107 -15.61 39.09 -24.43
N LEU D 108 -16.36 38.39 -25.27
CA LEU D 108 -15.96 38.16 -26.66
C LEU D 108 -16.84 39.01 -27.58
N GLU D 109 -16.21 39.94 -28.28
CA GLU D 109 -16.87 40.77 -29.28
C GLU D 109 -16.58 40.23 -30.67
N ILE D 110 -17.19 40.84 -31.67
CA ILE D 110 -16.89 40.48 -33.06
C ILE D 110 -16.34 41.71 -33.77
N LYS D 111 -15.10 41.59 -34.23
CA LYS D 111 -14.43 42.64 -34.99
C LYS D 111 -15.11 42.79 -36.34
N ARG D 112 -15.41 44.03 -36.70
CA ARG D 112 -15.96 44.34 -38.01
C ARG D 112 -15.34 45.65 -38.50
N ALA D 113 -15.86 46.20 -39.58
CA ALA D 113 -15.32 47.43 -40.17
C ALA D 113 -15.51 48.63 -39.24
N ASP D 114 -16.00 49.74 -39.77
CA ASP D 114 -16.47 50.86 -38.96
C ASP D 114 -17.73 51.40 -39.61
N ALA D 115 -18.41 52.31 -38.92
CA ALA D 115 -19.61 52.93 -39.44
C ALA D 115 -20.01 54.11 -38.56
N ALA D 116 -20.24 55.26 -39.18
CA ALA D 116 -20.76 56.40 -38.44
C ALA D 116 -22.16 56.05 -37.94
N PRO D 117 -22.59 56.70 -36.86
CA PRO D 117 -23.95 56.47 -36.35
C PRO D 117 -25.00 57.20 -37.17
N THR D 118 -26.22 56.66 -37.20
CA THR D 118 -27.37 57.35 -37.78
C THR D 118 -28.08 58.09 -36.64
N VAL D 119 -27.91 59.41 -36.58
CA VAL D 119 -28.41 60.23 -35.48
C VAL D 119 -29.82 60.76 -35.77
N SER D 120 -30.69 60.76 -34.75
CA SER D 120 -32.08 61.18 -34.89
C SER D 120 -32.62 61.79 -33.59
N ILE D 121 -32.88 63.10 -33.58
CA ILE D 121 -33.44 63.76 -32.38
C ILE D 121 -34.95 63.67 -32.36
N PHE D 122 -35.52 63.63 -31.16
CA PHE D 122 -36.96 63.60 -30.97
C PHE D 122 -37.37 64.56 -29.85
N PRO D 123 -38.11 65.62 -30.20
CA PRO D 123 -38.63 66.53 -29.17
C PRO D 123 -39.70 65.87 -28.31
N PRO D 124 -39.86 66.33 -27.06
CA PRO D 124 -40.90 65.81 -26.16
C PRO D 124 -42.26 65.71 -26.83
N SER D 125 -42.99 64.64 -26.56
CA SER D 125 -44.36 64.51 -27.04
C SER D 125 -45.24 65.44 -26.23
N SER D 126 -46.35 65.87 -26.83
CA SER D 126 -47.37 66.62 -26.10
C SER D 126 -47.85 65.78 -24.93
N GLU D 127 -48.08 64.49 -25.20
CA GLU D 127 -48.43 63.51 -24.18
C GLU D 127 -47.60 63.71 -22.92
N GLN D 128 -46.28 63.76 -23.09
CA GLN D 128 -45.37 63.97 -21.97
C GLN D 128 -45.52 65.38 -21.41
N LEU D 129 -45.26 66.37 -22.26
CA LEU D 129 -45.31 67.78 -21.86
C LEU D 129 -46.50 68.09 -20.96
N THR D 130 -47.68 67.68 -21.40
CA THR D 130 -48.91 67.88 -20.63
C THR D 130 -48.72 67.66 -19.13
N SER D 131 -48.31 66.45 -18.77
CA SER D 131 -48.20 66.08 -17.35
C SER D 131 -46.82 66.39 -16.77
N GLY D 132 -46.41 67.65 -16.83
CA GLY D 132 -45.06 68.04 -16.40
C GLY D 132 -44.00 67.39 -17.27
N GLY D 133 -42.74 67.59 -16.92
CA GLY D 133 -41.61 66.93 -17.58
C GLY D 133 -41.47 67.15 -19.09
N ALA D 134 -40.24 67.10 -19.58
CA ALA D 134 -39.97 67.23 -21.01
C ALA D 134 -38.61 66.65 -21.36
N SER D 135 -38.61 65.48 -22.00
CA SER D 135 -37.39 64.74 -22.28
C SER D 135 -37.08 64.82 -23.76
N VAL D 136 -35.82 65.10 -24.08
CA VAL D 136 -35.35 65.14 -25.45
C VAL D 136 -34.44 63.95 -25.71
N VAL D 137 -34.97 62.97 -26.44
CA VAL D 137 -34.22 61.76 -26.77
C VAL D 137 -33.44 61.95 -28.06
N CYS D 138 -32.32 61.25 -28.17
CA CYS D 138 -31.53 61.24 -29.40
C CYS D 138 -30.85 59.88 -29.55
N PHE D 139 -31.14 59.19 -30.65
CA PHE D 139 -30.58 57.86 -30.90
C PHE D 139 -29.34 57.96 -31.79
N LEU D 140 -28.32 57.19 -31.46
CA LEU D 140 -27.15 57.00 -32.31
C LEU D 140 -27.07 55.52 -32.66
N ASN D 141 -27.42 55.18 -33.89
CA ASN D 141 -27.69 53.78 -34.23
C ASN D 141 -26.75 53.14 -35.24
N ASN D 142 -26.50 51.84 -35.06
CA ASN D 142 -25.75 51.02 -36.02
C ASN D 142 -24.38 51.59 -36.37
N PHE D 143 -23.49 51.59 -35.37
CA PHE D 143 -22.14 52.12 -35.53
C PHE D 143 -21.09 51.19 -34.92
N TYR D 144 -19.82 51.49 -35.19
CA TYR D 144 -18.70 50.70 -34.68
C TYR D 144 -17.40 51.51 -34.79
N PRO D 145 -16.52 51.40 -33.79
CA PRO D 145 -16.60 50.63 -32.53
C PRO D 145 -17.49 51.27 -31.46
N LYS D 146 -17.59 50.58 -30.33
CA LYS D 146 -18.41 51.02 -29.18
C LYS D 146 -18.23 52.48 -28.79
N ASP D 147 -17.00 52.97 -28.87
CA ASP D 147 -16.64 54.28 -28.33
C ASP D 147 -17.30 55.42 -29.13
N ILE D 148 -18.02 56.27 -28.42
CA ILE D 148 -18.62 57.48 -28.99
C ILE D 148 -18.90 58.49 -27.89
N ASN D 149 -18.99 59.76 -28.27
CA ASN D 149 -19.31 60.83 -27.33
C ASN D 149 -20.54 61.59 -27.82
N VAL D 150 -21.47 61.84 -26.91
CA VAL D 150 -22.65 62.67 -27.19
C VAL D 150 -22.54 63.98 -26.44
N LYS D 151 -23.02 65.05 -27.06
CA LYS D 151 -22.95 66.39 -26.49
C LYS D 151 -24.25 67.13 -26.76
N TRP D 152 -24.78 67.79 -25.73
CA TRP D 152 -26.07 68.48 -25.82
C TRP D 152 -25.92 70.00 -25.72
N LYS D 153 -26.33 70.70 -26.77
CA LYS D 153 -26.33 72.17 -26.79
C LYS D 153 -27.76 72.70 -26.76
N ILE D 154 -28.10 73.45 -25.71
CA ILE D 154 -29.37 74.16 -25.64
C ILE D 154 -29.12 75.64 -25.90
N ASP D 155 -29.63 76.15 -27.02
CA ASP D 155 -29.34 77.51 -27.48
C ASP D 155 -27.83 77.76 -27.46
N GLY D 156 -27.11 77.03 -28.31
CA GLY D 156 -25.66 77.18 -28.42
C GLY D 156 -24.89 76.58 -27.27
N SER D 157 -25.10 77.12 -26.07
CA SER D 157 -24.39 76.66 -24.87
C SER D 157 -24.78 75.23 -24.52
N GLU D 158 -23.83 74.50 -23.95
CA GLU D 158 -23.99 73.05 -23.72
C GLU D 158 -23.95 72.70 -22.23
N ARG D 159 -24.85 71.80 -21.82
CA ARG D 159 -24.96 71.37 -20.42
C ARG D 159 -25.57 69.97 -20.35
N GLN D 160 -25.19 69.24 -19.31
CA GLN D 160 -25.68 67.88 -19.08
C GLN D 160 -26.63 67.90 -17.88
N ASN D 161 -27.72 68.65 -18.05
CA ASN D 161 -28.75 68.82 -17.00
C ASN D 161 -29.12 67.46 -16.40
N GLY D 162 -29.50 66.55 -17.27
CA GLY D 162 -29.82 65.18 -16.89
C GLY D 162 -29.67 64.28 -18.09
N VAL D 163 -28.45 64.17 -18.59
CA VAL D 163 -28.15 63.30 -19.73
C VAL D 163 -27.93 61.88 -19.24
N LEU D 164 -28.76 60.96 -19.71
CA LEU D 164 -28.58 59.53 -19.48
C LEU D 164 -28.32 58.84 -20.81
N ASN D 165 -27.38 57.91 -20.80
CA ASN D 165 -26.93 57.23 -22.02
C ASN D 165 -26.93 55.72 -21.83
N SER D 166 -27.45 55.01 -22.84
CA SER D 166 -27.63 53.56 -22.76
C SER D 166 -27.19 52.89 -24.05
N TRP D 167 -26.28 51.92 -23.94
CA TRP D 167 -25.78 51.17 -25.08
C TRP D 167 -26.51 49.84 -25.21
N THR D 168 -26.64 49.36 -26.45
CA THR D 168 -27.22 48.06 -26.73
C THR D 168 -26.16 46.97 -26.62
N ASP D 169 -26.61 45.72 -26.51
CA ASP D 169 -25.73 44.58 -26.74
C ASP D 169 -25.30 44.64 -28.21
N GLN D 170 -24.12 44.11 -28.53
CA GLN D 170 -23.66 44.09 -29.92
C GLN D 170 -24.67 43.36 -30.79
N ASP D 171 -24.84 43.85 -32.02
CA ASP D 171 -25.83 43.29 -32.94
C ASP D 171 -25.34 41.96 -33.54
N SER D 172 -26.24 41.00 -33.68
CA SER D 172 -25.91 39.68 -34.20
C SER D 172 -25.83 39.67 -35.73
N LYS D 173 -26.65 40.52 -36.36
CA LYS D 173 -26.71 40.58 -37.82
C LYS D 173 -25.55 41.39 -38.38
N ASP D 174 -25.52 42.68 -38.06
CA ASP D 174 -24.55 43.61 -38.67
C ASP D 174 -23.36 43.99 -37.77
N SER D 175 -23.25 43.32 -36.62
CA SER D 175 -22.08 43.44 -35.73
C SER D 175 -21.84 44.85 -35.17
N THR D 176 -22.86 45.71 -35.23
CA THR D 176 -22.73 47.10 -34.79
C THR D 176 -23.34 47.30 -33.41
N TYR D 177 -23.10 48.49 -32.84
CA TYR D 177 -23.74 48.90 -31.60
C TYR D 177 -24.69 50.04 -31.86
N SER D 178 -25.52 50.34 -30.87
CA SER D 178 -26.41 51.49 -30.91
C SER D 178 -26.49 52.12 -29.52
N MET D 179 -26.59 53.45 -29.48
CA MET D 179 -26.57 54.18 -28.22
C MET D 179 -27.84 55.03 -28.08
N SER D 180 -28.06 55.59 -26.90
CA SER D 180 -29.30 56.30 -26.61
C SER D 180 -29.15 57.35 -25.51
N SER D 181 -28.82 58.57 -25.91
CA SER D 181 -28.81 59.72 -25.00
C SER D 181 -30.22 60.23 -24.77
N THR D 182 -30.51 60.61 -23.52
CA THR D 182 -31.82 61.13 -23.15
C THR D 182 -31.66 62.36 -22.26
N LEU D 183 -31.85 63.54 -22.83
CA LEU D 183 -31.77 64.78 -22.07
C LEU D 183 -33.11 65.03 -21.39
N THR D 184 -33.21 64.63 -20.13
CA THR D 184 -34.43 64.81 -19.36
C THR D 184 -34.35 66.10 -18.54
N LEU D 185 -35.42 66.88 -18.56
CA LEU D 185 -35.49 68.13 -17.80
C LEU D 185 -36.93 68.57 -17.60
N THR D 186 -37.12 69.59 -16.78
CA THR D 186 -38.45 70.04 -16.38
C THR D 186 -39.23 70.65 -17.55
N LYS D 187 -40.54 70.45 -17.53
CA LYS D 187 -41.46 70.99 -18.56
C LYS D 187 -41.30 72.50 -18.71
N ASP D 188 -41.27 73.19 -17.58
CA ASP D 188 -41.18 74.65 -17.57
C ASP D 188 -39.89 75.12 -18.23
N GLU D 189 -38.77 74.51 -17.85
CA GLU D 189 -37.46 74.86 -18.41
C GLU D 189 -37.35 74.58 -19.92
N TYR D 190 -38.08 73.57 -20.39
CA TYR D 190 -38.10 73.25 -21.82
C TYR D 190 -38.74 74.38 -22.63
N GLU D 191 -39.81 74.97 -22.08
CA GLU D 191 -40.57 76.00 -22.79
C GLU D 191 -39.92 77.40 -22.68
N ARG D 192 -38.59 77.45 -22.64
CA ARG D 192 -37.84 78.71 -22.54
C ARG D 192 -36.78 78.91 -23.62
N HIS D 193 -36.46 77.84 -24.35
CA HIS D 193 -35.34 77.84 -25.28
C HIS D 193 -35.80 77.32 -26.64
N ASN D 194 -35.59 78.11 -27.70
CA ASN D 194 -36.04 77.74 -29.04
C ASN D 194 -34.91 77.16 -29.90
N SER D 195 -34.18 76.20 -29.35
CA SER D 195 -33.10 75.52 -30.08
C SER D 195 -32.47 74.40 -29.27
N TYR D 196 -32.62 73.17 -29.78
CA TYR D 196 -32.03 71.99 -29.16
C TYR D 196 -31.20 71.24 -30.18
N THR D 197 -30.07 70.70 -29.71
CA THR D 197 -29.10 70.05 -30.59
C THR D 197 -28.53 68.79 -29.95
N CYS D 198 -28.19 67.83 -30.80
CA CYS D 198 -27.61 66.57 -30.37
C CYS D 198 -26.30 66.34 -31.15
N GLU D 199 -25.17 66.68 -30.54
CA GLU D 199 -23.86 66.48 -31.17
C GLU D 199 -23.32 65.09 -30.86
N ALA D 200 -22.89 64.39 -31.91
CA ALA D 200 -22.36 63.03 -31.78
C ALA D 200 -20.99 62.93 -32.43
N THR D 201 -19.95 62.74 -31.61
CA THR D 201 -18.59 62.57 -32.12
C THR D 201 -18.21 61.10 -32.11
N HIS D 202 -17.38 60.70 -33.06
CA HIS D 202 -17.04 59.30 -33.27
C HIS D 202 -15.80 59.20 -34.19
N LYS D 203 -15.11 58.08 -34.13
CA LYS D 203 -14.03 57.80 -35.08
C LYS D 203 -14.61 57.75 -36.49
N THR D 204 -13.75 57.91 -37.50
CA THR D 204 -14.20 58.05 -38.91
C THR D 204 -15.10 59.27 -39.07
N SER D 205 -14.79 60.33 -38.31
CA SER D 205 -15.57 61.57 -38.35
C SER D 205 -14.70 62.73 -37.88
N THR D 206 -14.36 63.63 -38.80
CA THR D 206 -13.61 64.84 -38.48
C THR D 206 -14.45 65.68 -37.52
N SER D 207 -15.66 66.01 -37.97
CA SER D 207 -16.60 66.81 -37.20
C SER D 207 -17.75 65.93 -36.72
N PRO D 208 -18.52 66.42 -35.73
CA PRO D 208 -19.70 65.68 -35.26
C PRO D 208 -20.86 65.65 -36.27
N ILE D 209 -21.80 64.74 -36.04
CA ILE D 209 -23.08 64.72 -36.77
C ILE D 209 -24.13 65.27 -35.81
N VAL D 210 -24.89 66.28 -36.25
CA VAL D 210 -25.52 67.21 -35.30
C VAL D 210 -27.00 67.57 -35.58
N LYS D 211 -27.88 66.58 -35.67
CA LYS D 211 -29.32 66.85 -35.85
C LYS D 211 -29.85 67.83 -34.79
N SER D 212 -30.82 68.68 -35.17
CA SER D 212 -31.32 69.75 -34.30
C SER D 212 -32.78 70.10 -34.53
N PHE D 213 -33.35 70.87 -33.59
CA PHE D 213 -34.73 71.37 -33.72
C PHE D 213 -34.96 72.59 -32.83
N ASN D 214 -35.99 73.37 -33.16
CA ASN D 214 -36.42 74.52 -32.38
C ASN D 214 -37.88 74.35 -31.98
N ARG D 215 -38.22 74.62 -30.73
CA ARG D 215 -39.60 74.46 -30.24
C ARG D 215 -40.53 75.52 -30.83
N ASN D 216 -40.86 75.36 -32.10
CA ASN D 216 -41.75 76.26 -32.84
C ASN D 216 -42.11 75.63 -34.19
N GLU D 217 -42.88 74.55 -34.13
CA GLU D 217 -43.23 73.77 -35.31
C GLU D 217 -44.54 73.02 -35.07
N GLN E 1 20.05 -22.62 32.39
CA GLN E 1 20.64 -23.70 31.56
C GLN E 1 19.55 -24.52 30.84
N VAL E 2 19.48 -24.37 29.51
CA VAL E 2 18.55 -25.16 28.70
C VAL E 2 19.15 -26.53 28.39
N GLN E 3 18.44 -27.59 28.78
CA GLN E 3 18.83 -28.95 28.43
C GLN E 3 17.62 -29.73 27.97
N LEU E 4 17.86 -30.70 27.09
CA LEU E 4 16.83 -31.61 26.61
C LEU E 4 17.29 -33.05 26.84
N GLN E 5 16.86 -33.65 27.94
CA GLN E 5 17.28 -35.00 28.30
C GLN E 5 16.36 -36.04 27.64
N GLN E 6 16.95 -36.96 26.89
CA GLN E 6 16.20 -37.96 26.13
C GLN E 6 16.17 -39.34 26.77
N SER E 7 15.23 -40.17 26.32
CA SER E 7 15.10 -41.57 26.74
C SER E 7 16.38 -42.36 26.50
N GLY E 8 16.59 -43.40 27.30
CA GLY E 8 17.75 -44.27 27.13
C GLY E 8 17.71 -45.02 25.80
N PRO E 9 18.76 -45.83 25.53
CA PRO E 9 18.77 -46.70 24.36
C PRO E 9 17.63 -47.69 24.40
N GLU E 10 17.33 -48.29 23.27
CA GLU E 10 16.18 -49.17 23.17
C GLU E 10 16.43 -50.27 22.15
N LEU E 11 16.16 -51.51 22.55
CA LEU E 11 16.08 -52.64 21.64
C LEU E 11 14.62 -53.00 21.52
N VAL E 12 14.11 -53.08 20.30
CA VAL E 12 12.71 -53.42 20.08
C VAL E 12 12.62 -54.43 18.94
N LYS E 13 11.59 -55.27 18.99
CA LYS E 13 11.43 -56.32 17.98
C LYS E 13 10.79 -55.71 16.72
N PRO E 14 11.11 -56.25 15.53
CA PRO E 14 10.55 -55.69 14.29
C PRO E 14 9.03 -55.72 14.29
N GLY E 15 8.41 -54.74 13.64
CA GLY E 15 6.96 -54.64 13.58
C GLY E 15 6.31 -54.14 14.86
N ALA E 16 7.11 -53.65 15.80
CA ALA E 16 6.59 -53.13 17.05
C ALA E 16 6.52 -51.61 16.99
N SER E 17 6.33 -50.99 18.15
CA SER E 17 6.38 -49.54 18.27
C SER E 17 7.34 -49.15 19.37
N VAL E 18 7.90 -47.94 19.27
CA VAL E 18 8.67 -47.35 20.36
C VAL E 18 8.18 -45.94 20.56
N LYS E 19 8.13 -45.51 21.82
CA LYS E 19 7.84 -44.13 22.14
C LYS E 19 9.04 -43.51 22.83
N ILE E 20 9.83 -42.81 22.03
CA ILE E 20 11.01 -42.08 22.52
C ILE E 20 10.51 -40.81 23.19
N SER E 21 11.27 -40.30 24.15
CA SER E 21 10.86 -39.10 24.88
C SER E 21 12.00 -38.10 25.02
N CYS E 22 11.64 -36.82 25.07
CA CYS E 22 12.59 -35.70 25.10
C CYS E 22 12.09 -34.66 26.09
N LYS E 23 12.66 -34.63 27.29
CA LYS E 23 12.21 -33.75 28.35
C LYS E 23 13.01 -32.45 28.33
N ALA E 24 12.30 -31.32 28.35
CA ALA E 24 12.91 -29.99 28.22
C ALA E 24 12.95 -29.22 29.54
N SER E 25 14.01 -28.44 29.73
CA SER E 25 14.21 -27.62 30.94
C SER E 25 14.72 -26.23 30.60
N GLY E 26 14.58 -25.31 31.55
CA GLY E 26 15.22 -24.00 31.45
C GLY E 26 14.70 -23.09 30.35
N TYR E 27 13.52 -23.42 29.81
CA TYR E 27 12.86 -22.60 28.80
C TYR E 27 11.39 -22.94 28.74
N THR E 28 10.57 -22.03 28.26
CA THR E 28 9.13 -22.26 28.24
C THR E 28 8.74 -23.27 27.15
N PHE E 29 8.70 -24.54 27.54
CA PHE E 29 8.31 -25.61 26.64
C PHE E 29 6.93 -25.40 26.03
N SER E 30 6.01 -24.87 26.83
CA SER E 30 4.58 -24.83 26.49
C SER E 30 4.27 -24.07 25.20
N SER E 31 5.05 -23.03 24.92
CA SER E 31 4.82 -22.16 23.77
C SER E 31 5.93 -22.27 22.73
N SER E 32 6.63 -23.41 22.75
CA SER E 32 7.78 -23.65 21.87
C SER E 32 7.53 -24.83 20.94
N TRP E 33 8.22 -24.82 19.81
CA TRP E 33 8.22 -25.95 18.89
C TRP E 33 9.31 -26.94 19.28
N MET E 34 9.08 -28.22 18.98
CA MET E 34 10.11 -29.25 19.12
C MET E 34 10.21 -30.02 17.83
N ASN E 35 11.44 -30.18 17.34
CA ASN E 35 11.71 -30.92 16.10
C ASN E 35 12.22 -32.31 16.43
N TRP E 36 12.34 -33.16 15.41
CA TRP E 36 12.89 -34.50 15.56
C TRP E 36 13.70 -34.85 14.31
N VAL E 37 14.94 -35.31 14.51
CA VAL E 37 15.85 -35.64 13.41
C VAL E 37 16.41 -37.05 13.56
N LYS E 38 16.47 -37.77 12.44
CA LYS E 38 16.98 -39.14 12.39
C LYS E 38 18.41 -39.14 11.90
N GLN E 39 19.22 -40.06 12.41
CA GLN E 39 20.60 -40.22 11.91
C GLN E 39 21.03 -41.70 11.96
N ARG E 40 21.17 -42.30 10.78
CA ARG E 40 21.58 -43.69 10.70
C ARG E 40 23.10 -43.78 10.82
N PRO E 41 23.62 -44.89 11.36
CA PRO E 41 25.06 -45.08 11.51
C PRO E 41 25.85 -44.73 10.25
N GLY E 42 26.81 -43.81 10.40
CA GLY E 42 27.69 -43.40 9.31
C GLY E 42 27.00 -42.63 8.20
N LYS E 43 25.82 -42.08 8.49
CA LYS E 43 25.05 -41.35 7.48
C LYS E 43 24.47 -40.03 8.00
N GLY E 44 23.86 -39.26 7.11
CA GLY E 44 23.52 -37.87 7.38
C GLY E 44 22.32 -37.65 8.29
N LEU E 45 21.80 -36.43 8.23
CA LEU E 45 20.69 -36.01 9.07
C LEU E 45 19.41 -35.93 8.26
N GLU E 46 18.33 -36.47 8.80
CA GLU E 46 17.03 -36.50 8.14
C GLU E 46 15.97 -35.95 9.09
N TRP E 47 15.28 -34.90 8.64
CA TRP E 47 14.28 -34.22 9.47
C TRP E 47 12.96 -34.97 9.40
N ILE E 48 12.35 -35.19 10.57
CA ILE E 48 11.14 -35.99 10.68
C ILE E 48 9.88 -35.10 10.75
N GLY E 49 9.91 -34.10 11.61
CA GLY E 49 8.77 -33.20 11.78
C GLY E 49 8.95 -32.28 12.96
N ARG E 50 8.01 -31.37 13.16
CA ARG E 50 8.02 -30.48 14.33
C ARG E 50 6.61 -30.26 14.86
N ILE E 51 6.50 -30.17 16.18
CA ILE E 51 5.21 -30.13 16.85
C ILE E 51 5.14 -28.91 17.76
N TYR E 52 4.00 -28.23 17.79
CA TYR E 52 3.83 -27.09 18.68
C TYR E 52 3.27 -27.55 20.02
N SER E 53 4.04 -27.31 21.07
CA SER E 53 3.73 -27.87 22.38
C SER E 53 2.45 -27.29 22.99
N GLY E 54 2.07 -26.09 22.58
CA GLY E 54 0.88 -25.43 23.10
C GLY E 54 -0.43 -26.14 22.80
N ASP E 55 -0.49 -26.83 21.67
CA ASP E 55 -1.69 -27.59 21.30
C ASP E 55 -1.42 -28.85 20.45
N GLY E 56 -0.18 -29.32 20.42
CA GLY E 56 0.15 -30.59 19.77
C GLY E 56 0.05 -30.61 18.25
N ASP E 57 -0.17 -29.45 17.64
CA ASP E 57 -0.26 -29.36 16.18
C ASP E 57 1.12 -29.70 15.61
N ALA E 58 1.18 -30.59 14.62
CA ALA E 58 2.46 -31.08 14.12
C ALA E 58 2.52 -31.08 12.60
N ILE E 59 3.69 -30.69 12.07
CA ILE E 59 3.96 -30.73 10.64
C ILE E 59 4.98 -31.81 10.39
N TYR E 60 4.61 -32.81 9.60
CA TYR E 60 5.46 -33.96 9.36
C TYR E 60 6.17 -33.87 8.02
N ASN E 61 7.38 -34.41 7.96
CA ASN E 61 8.03 -34.67 6.69
C ASN E 61 7.20 -35.74 6.03
N GLY E 62 6.82 -35.52 4.77
CA GLY E 62 6.01 -36.49 4.03
C GLY E 62 6.52 -37.93 4.12
N LYS E 63 7.84 -38.09 4.20
CA LYS E 63 8.45 -39.41 4.29
C LYS E 63 8.11 -40.13 5.60
N PHE E 64 7.86 -39.37 6.66
CA PHE E 64 7.53 -39.93 7.98
C PHE E 64 6.06 -39.79 8.38
N LYS E 65 5.24 -39.25 7.47
CA LYS E 65 3.86 -38.86 7.80
C LYS E 65 3.10 -39.97 8.53
N GLY E 66 2.87 -41.10 7.85
CA GLY E 66 2.09 -42.19 8.44
C GLY E 66 2.79 -43.09 9.47
N LYS E 67 4.08 -42.85 9.69
CA LYS E 67 4.89 -43.71 10.56
C LYS E 67 5.21 -43.04 11.89
N ALA E 68 5.73 -41.82 11.82
CA ALA E 68 6.05 -41.04 12.99
C ALA E 68 4.79 -40.40 13.56
N THR E 69 4.77 -40.23 14.88
CA THR E 69 3.64 -39.61 15.57
C THR E 69 4.16 -38.78 16.73
N LEU E 70 4.06 -37.47 16.58
CA LEU E 70 4.55 -36.53 17.58
C LEU E 70 3.41 -36.15 18.52
N THR E 71 3.73 -36.00 19.80
CA THR E 71 2.78 -35.56 20.81
C THR E 71 3.51 -34.72 21.86
N ALA E 72 2.82 -33.76 22.45
CA ALA E 72 3.42 -32.90 23.48
C ALA E 72 2.73 -33.12 24.82
N ASP E 73 3.48 -32.93 25.89
CA ASP E 73 2.95 -33.05 27.25
C ASP E 73 3.46 -31.86 28.07
N LYS E 74 2.60 -30.86 28.24
CA LYS E 74 2.96 -29.62 28.91
C LYS E 74 3.35 -29.85 30.36
N SER E 75 2.53 -30.61 31.08
CA SER E 75 2.75 -30.86 32.50
C SER E 75 4.16 -31.39 32.77
N SER E 76 4.56 -32.41 32.00
CA SER E 76 5.92 -32.98 32.07
C SER E 76 6.95 -32.04 31.47
N SER E 77 6.53 -31.21 30.51
CA SER E 77 7.42 -30.44 29.64
C SER E 77 8.20 -31.38 28.75
N THR E 78 7.49 -32.37 28.20
CA THR E 78 8.11 -33.46 27.45
C THR E 78 7.47 -33.64 26.11
N ALA E 79 8.30 -33.75 25.07
CA ALA E 79 7.83 -34.14 23.74
C ALA E 79 8.07 -35.63 23.58
N TYR E 80 7.13 -36.32 22.96
CA TYR E 80 7.28 -37.74 22.64
C TYR E 80 7.34 -37.93 21.14
N MET E 81 7.87 -39.07 20.71
CA MET E 81 7.92 -39.42 19.30
C MET E 81 7.75 -40.91 19.18
N GLN E 82 6.74 -41.33 18.41
CA GLN E 82 6.39 -42.74 18.32
C GLN E 82 6.48 -43.24 16.88
N LEU E 83 7.08 -44.40 16.72
CA LEU E 83 7.30 -44.99 15.39
C LEU E 83 6.67 -46.38 15.35
N SER E 84 5.82 -46.61 14.35
CA SER E 84 5.12 -47.87 14.20
C SER E 84 5.81 -48.76 13.18
N SER E 85 5.38 -50.02 13.13
CA SER E 85 5.87 -50.99 12.15
C SER E 85 7.40 -50.94 12.01
N LEU E 86 8.08 -51.08 13.15
CA LEU E 86 9.53 -50.96 13.19
C LEU E 86 10.27 -51.95 12.27
N THR E 87 11.29 -51.44 11.60
CA THR E 87 12.05 -52.19 10.62
C THR E 87 13.54 -52.02 10.92
N SER E 88 14.35 -52.97 10.47
CA SER E 88 15.80 -52.93 10.64
C SER E 88 16.36 -51.55 10.33
N GLU E 89 15.79 -50.86 9.36
CA GLU E 89 16.32 -49.56 8.98
C GLU E 89 15.54 -48.38 9.57
N ASP E 90 14.89 -48.63 10.70
CA ASP E 90 14.55 -47.58 11.65
C ASP E 90 15.60 -47.55 12.76
N SER E 91 16.49 -48.53 12.77
CA SER E 91 17.62 -48.51 13.69
C SER E 91 18.42 -47.26 13.40
N ALA E 92 18.67 -46.48 14.43
CA ALA E 92 19.30 -45.19 14.27
C ALA E 92 19.22 -44.42 15.57
N VAL E 93 20.04 -43.39 15.68
CA VAL E 93 19.90 -42.45 16.77
C VAL E 93 18.84 -41.45 16.37
N TYR E 94 17.98 -41.07 17.32
CA TYR E 94 16.94 -40.07 17.07
C TYR E 94 17.12 -38.88 18.00
N PHE E 95 17.29 -37.70 17.40
CA PHE E 95 17.49 -36.46 18.16
C PHE E 95 16.21 -35.65 18.26
N CYS E 96 16.15 -34.81 19.28
CA CYS E 96 15.11 -33.80 19.42
C CYS E 96 15.81 -32.46 19.57
N ALA E 97 15.22 -31.42 18.98
CA ALA E 97 15.79 -30.09 19.04
C ALA E 97 14.68 -29.05 19.08
N ARG E 98 14.87 -28.05 19.93
CA ARG E 98 13.90 -26.97 20.08
C ARG E 98 14.28 -25.79 19.19
N GLU E 99 13.25 -25.05 18.79
CA GLU E 99 13.44 -23.80 18.07
C GLU E 99 13.44 -22.69 19.08
N GLY E 100 13.67 -21.48 18.59
CA GLY E 100 13.65 -20.29 19.43
C GLY E 100 12.30 -19.99 20.04
N LYS E 101 12.18 -18.79 20.56
CA LYS E 101 11.06 -18.38 21.38
C LYS E 101 9.90 -18.05 20.46
N THR E 102 10.22 -17.41 19.35
CA THR E 102 9.32 -17.32 18.19
C THR E 102 9.32 -18.72 17.58
N GLY E 103 8.90 -18.87 16.33
CA GLY E 103 9.07 -20.15 15.64
C GLY E 103 10.25 -20.04 14.70
N ASP E 104 11.43 -19.79 15.27
CA ASP E 104 12.69 -19.53 14.53
C ASP E 104 12.89 -20.34 13.25
N LEU E 105 12.38 -21.56 13.25
CA LEU E 105 12.68 -22.55 12.21
C LEU E 105 14.16 -22.89 12.25
N LEU E 106 14.72 -22.99 13.44
CA LEU E 106 16.14 -23.31 13.56
C LEU E 106 16.46 -24.06 14.84
N LEU E 107 17.30 -25.09 14.70
CA LEU E 107 17.45 -26.13 15.71
C LEU E 107 18.50 -25.69 16.74
N ARG E 108 18.01 -25.11 17.83
CA ARG E 108 18.84 -24.29 18.70
C ARG E 108 19.52 -25.10 19.82
N SER E 109 18.81 -26.09 20.36
CA SER E 109 19.33 -26.90 21.46
C SER E 109 18.92 -28.34 21.25
N TRP E 110 19.88 -29.26 21.30
CA TRP E 110 19.64 -30.66 20.95
C TRP E 110 19.85 -31.60 22.14
N GLY E 111 19.02 -32.64 22.23
CA GLY E 111 19.23 -33.70 23.21
C GLY E 111 20.38 -34.59 22.78
N GLN E 112 20.81 -35.49 23.67
CA GLN E 112 21.98 -36.36 23.39
C GLN E 112 21.67 -37.40 22.32
N GLY E 113 20.39 -37.64 22.06
CA GLY E 113 19.96 -38.63 21.08
C GLY E 113 19.51 -39.89 21.79
N SER E 114 18.80 -40.75 21.05
CA SER E 114 18.36 -42.03 21.58
C SER E 114 18.62 -43.14 20.57
N ALA E 115 19.45 -44.11 20.97
CA ALA E 115 19.84 -45.23 20.09
C ALA E 115 18.74 -46.27 20.06
N LEU E 116 17.97 -46.29 18.98
CA LEU E 116 16.95 -47.29 18.76
C LEU E 116 17.54 -48.31 17.81
N THR E 117 17.46 -49.58 18.18
CA THR E 117 17.95 -50.67 17.35
C THR E 117 16.90 -51.75 17.26
N VAL E 118 16.56 -52.12 16.03
CA VAL E 118 15.41 -52.97 15.74
C VAL E 118 15.92 -54.34 15.33
N SER E 119 15.66 -55.35 16.17
CA SER E 119 16.11 -56.71 15.88
C SER E 119 15.30 -57.75 16.63
N SER E 120 15.08 -58.90 15.98
CA SER E 120 14.44 -60.03 16.67
C SER E 120 15.44 -60.76 17.56
N ALA E 121 16.73 -60.48 17.35
CA ALA E 121 17.80 -61.04 18.17
C ALA E 121 17.63 -60.69 19.66
N LYS E 122 18.38 -61.42 20.49
CA LYS E 122 18.13 -61.46 21.92
C LYS E 122 19.23 -60.67 22.61
N THR E 123 18.90 -60.06 23.75
CA THR E 123 19.90 -59.36 24.55
C THR E 123 20.98 -60.31 25.04
N THR E 124 22.17 -59.78 25.28
CA THR E 124 23.26 -60.56 25.82
C THR E 124 24.12 -59.61 26.64
N ALA E 125 24.31 -59.94 27.91
CA ALA E 125 25.09 -59.10 28.80
C ALA E 125 26.58 -59.19 28.42
N PRO E 126 27.34 -58.12 28.68
CA PRO E 126 28.77 -58.16 28.41
C PRO E 126 29.51 -58.77 29.57
N SER E 127 30.68 -59.34 29.29
CA SER E 127 31.61 -59.74 30.33
C SER E 127 32.66 -58.65 30.42
N VAL E 128 32.81 -58.06 31.60
CA VAL E 128 33.73 -56.95 31.79
C VAL E 128 35.02 -57.47 32.42
N TYR E 129 36.12 -57.37 31.69
CA TYR E 129 37.42 -57.84 32.15
C TYR E 129 38.38 -56.68 32.43
N PRO E 130 39.10 -56.72 33.57
CA PRO E 130 40.12 -55.72 33.83
C PRO E 130 41.40 -56.05 33.07
N LEU E 131 42.24 -55.04 32.82
CA LEU E 131 43.50 -55.26 32.11
C LEU E 131 44.64 -54.50 32.80
N VAL E 132 45.25 -55.17 33.78
CA VAL E 132 46.40 -54.62 34.48
C VAL E 132 47.63 -54.74 33.58
N PRO E 133 48.60 -53.81 33.75
CA PRO E 133 49.80 -53.83 32.93
C PRO E 133 50.67 -55.09 33.11
N VAL E 134 51.57 -55.31 32.16
CA VAL E 134 52.43 -56.50 32.10
C VAL E 134 52.90 -57.00 33.48
N SER E 141 56.87 -40.11 33.76
CA SER E 141 56.48 -41.48 33.46
C SER E 141 55.00 -41.68 33.79
N SER E 142 54.22 -42.08 32.79
CA SER E 142 52.81 -42.39 32.97
C SER E 142 52.60 -43.89 33.08
N VAL E 143 51.40 -44.26 33.53
CA VAL E 143 50.98 -45.66 33.56
C VAL E 143 49.64 -45.75 32.83
N THR E 144 49.50 -46.77 31.98
CA THR E 144 48.27 -46.98 31.24
C THR E 144 47.68 -48.35 31.55
N LEU E 145 46.39 -48.33 31.88
CA LEU E 145 45.61 -49.55 32.12
C LEU E 145 44.31 -49.51 31.32
N GLY E 146 43.64 -50.65 31.21
CA GLY E 146 42.49 -50.79 30.33
C GLY E 146 41.36 -51.69 30.79
N CYS E 147 40.23 -51.55 30.10
CA CYS E 147 39.04 -52.35 30.35
C CYS E 147 38.67 -53.05 29.04
N LEU E 148 37.95 -54.16 29.15
CA LEU E 148 37.54 -54.94 28.00
C LEU E 148 36.13 -55.50 28.20
N VAL E 149 35.21 -55.03 27.36
CA VAL E 149 33.79 -55.40 27.45
C VAL E 149 33.47 -56.29 26.25
N LYS E 150 33.33 -57.60 26.50
CA LYS E 150 33.25 -58.57 25.40
C LYS E 150 31.90 -59.29 25.32
N GLY E 151 31.44 -59.51 24.08
CA GLY E 151 30.33 -60.43 23.81
C GLY E 151 28.95 -59.95 24.20
N TYR E 152 28.61 -58.72 23.81
CA TYR E 152 27.31 -58.15 24.15
C TYR E 152 26.48 -57.77 22.94
N PHE E 153 25.18 -57.62 23.18
CA PHE E 153 24.23 -57.18 22.17
C PHE E 153 22.99 -56.66 22.90
N PRO E 154 22.42 -55.55 22.42
CA PRO E 154 22.85 -54.69 21.32
C PRO E 154 23.75 -53.58 21.87
N GLU E 155 24.00 -52.57 21.04
CA GLU E 155 24.66 -51.36 21.49
C GLU E 155 23.61 -50.39 22.03
N PRO E 156 24.03 -49.39 22.83
CA PRO E 156 25.39 -49.10 23.27
C PRO E 156 25.71 -49.63 24.66
N VAL E 157 26.94 -49.38 25.09
CA VAL E 157 27.37 -49.58 26.47
C VAL E 157 27.76 -48.21 27.01
N THR E 158 27.99 -48.11 28.31
CA THR E 158 28.51 -46.88 28.89
C THR E 158 29.69 -47.19 29.79
N LEU E 159 30.88 -46.88 29.30
CA LEU E 159 32.09 -47.08 30.07
C LEU E 159 32.59 -45.74 30.63
N THR E 160 32.94 -45.73 31.90
CA THR E 160 33.59 -44.59 32.54
C THR E 160 34.70 -45.08 33.46
N TRP E 161 35.47 -44.13 34.00
CA TRP E 161 36.59 -44.44 34.88
C TRP E 161 36.44 -43.67 36.19
N ASN E 162 36.45 -44.39 37.31
CA ASN E 162 36.08 -43.83 38.61
C ASN E 162 34.78 -43.02 38.49
N SER E 163 33.83 -43.62 37.78
CA SER E 163 32.52 -43.04 37.44
C SER E 163 32.59 -41.52 37.21
N GLY E 164 33.24 -41.13 36.12
CA GLY E 164 33.34 -39.72 35.73
C GLY E 164 34.61 -39.04 36.19
N SER E 165 35.13 -39.42 37.35
CA SER E 165 36.31 -38.76 37.92
C SER E 165 37.49 -38.71 36.94
N LEU E 166 37.63 -39.75 36.11
CA LEU E 166 38.68 -39.81 35.07
C LEU E 166 38.09 -39.66 33.68
N SER E 167 38.54 -38.66 32.93
CA SER E 167 38.05 -38.36 31.58
C SER E 167 39.16 -38.03 30.57
N SER E 168 40.18 -37.29 31.00
CA SER E 168 41.35 -37.03 30.15
C SER E 168 42.31 -38.22 30.22
N GLY E 169 42.86 -38.61 29.06
CA GLY E 169 43.68 -39.81 28.99
C GLY E 169 42.88 -41.06 28.70
N VAL E 170 41.55 -40.98 28.86
CA VAL E 170 40.67 -42.07 28.51
C VAL E 170 40.54 -42.13 27.00
N HIS E 171 40.65 -43.34 26.46
CA HIS E 171 40.41 -43.62 25.05
C HIS E 171 39.44 -44.79 24.96
N THR E 172 38.15 -44.54 24.72
CA THR E 172 37.18 -45.61 24.50
C THR E 172 37.02 -45.89 23.00
N PHE E 173 37.30 -47.13 22.60
CA PHE E 173 37.37 -47.50 21.19
C PHE E 173 36.01 -47.97 20.70
N PRO E 174 35.66 -47.67 19.44
CA PRO E 174 34.38 -48.16 18.91
C PRO E 174 34.28 -49.70 18.97
N ALA E 175 33.09 -50.19 19.27
CA ALA E 175 32.85 -51.62 19.33
C ALA E 175 32.97 -52.27 17.96
N LEU E 176 33.28 -53.55 17.95
CA LEU E 176 33.36 -54.34 16.72
C LEU E 176 32.31 -55.45 16.76
N LEU E 177 31.67 -55.71 15.62
CA LEU E 177 30.71 -56.80 15.50
C LEU E 177 31.43 -58.09 15.10
N GLN E 178 31.05 -59.19 15.74
CA GLN E 178 31.59 -60.51 15.41
C GLN E 178 30.58 -61.59 15.81
N SER E 179 30.03 -62.27 14.80
CA SER E 179 29.01 -63.30 15.01
C SER E 179 27.83 -62.78 15.84
N GLY E 180 27.39 -61.56 15.52
CA GLY E 180 26.25 -60.95 16.18
C GLY E 180 26.49 -60.52 17.61
N LEU E 181 27.76 -60.37 17.98
CA LEU E 181 28.11 -59.86 19.30
C LEU E 181 29.12 -58.72 19.18
N TYR E 182 28.91 -57.71 20.01
CA TYR E 182 29.80 -56.55 20.03
C TYR E 182 30.88 -56.74 21.07
N THR E 183 31.99 -56.06 20.87
CA THR E 183 33.04 -56.02 21.88
C THR E 183 33.87 -54.75 21.71
N LEU E 184 34.08 -54.03 22.81
CA LEU E 184 34.91 -52.83 22.79
C LEU E 184 35.88 -52.83 23.96
N SER E 185 36.95 -52.05 23.81
CA SER E 185 37.93 -51.87 24.86
C SER E 185 38.07 -50.39 25.20
N SER E 186 38.62 -50.10 26.36
CA SER E 186 38.93 -48.72 26.73
C SER E 186 40.29 -48.65 27.40
N SER E 187 41.07 -47.67 26.97
CA SER E 187 42.35 -47.35 27.60
C SER E 187 42.19 -46.12 28.49
N VAL E 188 42.86 -46.14 29.65
CA VAL E 188 43.02 -44.93 30.46
C VAL E 188 44.48 -44.84 30.88
N THR E 189 45.05 -43.65 30.75
CA THR E 189 46.43 -43.40 31.13
C THR E 189 46.46 -42.29 32.18
N VAL E 190 46.77 -42.67 33.41
CA VAL E 190 46.97 -41.72 34.50
C VAL E 190 48.46 -41.75 34.86
N THR E 191 48.83 -41.15 35.99
CA THR E 191 50.22 -41.11 36.40
C THR E 191 50.38 -40.58 37.83
N SER E 192 51.03 -41.32 38.73
CA SER E 192 51.51 -42.70 38.56
C SER E 192 52.07 -43.45 39.81
N ASN E 193 52.29 -42.90 41.02
CA ASN E 193 51.79 -41.63 41.66
C ASN E 193 50.27 -41.55 41.93
N THR E 194 49.46 -42.10 41.03
CA THR E 194 48.03 -42.25 41.26
C THR E 194 47.59 -43.70 41.00
N TRP E 195 48.57 -44.59 40.85
CA TRP E 195 48.31 -46.01 40.60
C TRP E 195 49.55 -46.86 40.88
N PRO E 196 49.41 -47.93 41.70
CA PRO E 196 48.20 -48.40 42.38
C PRO E 196 47.84 -47.69 43.69
N SER E 197 48.48 -46.54 43.98
CA SER E 197 48.20 -45.78 45.20
C SER E 197 46.69 -45.48 45.35
N GLN E 198 46.14 -44.64 44.47
CA GLN E 198 44.69 -44.42 44.40
C GLN E 198 44.06 -45.55 43.59
N THR E 199 42.87 -45.99 44.02
CA THR E 199 42.16 -47.07 43.34
C THR E 199 41.54 -46.54 42.04
N ILE E 200 41.64 -47.35 40.98
CA ILE E 200 41.04 -47.02 39.69
C ILE E 200 40.08 -48.13 39.29
N THR E 201 38.85 -47.76 38.94
CA THR E 201 37.82 -48.72 38.59
C THR E 201 37.13 -48.38 37.27
N CYS E 202 36.81 -49.43 36.54
CA CYS E 202 36.12 -49.34 35.25
C CYS E 202 34.63 -49.56 35.50
N ASN E 203 33.77 -48.65 35.04
CA ASN E 203 32.33 -48.75 35.28
C ASN E 203 31.54 -49.00 34.00
N VAL E 204 31.15 -50.25 33.75
CA VAL E 204 30.43 -50.61 32.53
C VAL E 204 28.92 -50.67 32.78
N ALA E 205 28.13 -50.23 31.79
CA ALA E 205 26.68 -50.20 31.88
C ALA E 205 26.05 -50.57 30.53
N HIS E 206 25.20 -51.58 30.53
CA HIS E 206 24.52 -52.04 29.31
C HIS E 206 23.01 -52.00 29.51
N PRO E 207 22.38 -50.84 29.21
CA PRO E 207 20.95 -50.63 29.45
C PRO E 207 20.02 -51.71 28.91
N ALA E 208 20.39 -52.33 27.79
CA ALA E 208 19.56 -53.36 27.18
C ALA E 208 19.44 -54.65 28.00
N SER E 209 20.34 -54.86 28.96
CA SER E 209 20.28 -56.03 29.84
C SER E 209 20.31 -55.68 31.32
N SER E 210 20.08 -54.41 31.66
CA SER E 210 20.07 -53.94 33.05
C SER E 210 21.37 -54.24 33.81
N THR E 211 22.48 -54.34 33.08
CA THR E 211 23.76 -54.71 33.68
C THR E 211 24.47 -53.48 34.26
N LYS E 212 25.23 -53.71 35.32
CA LYS E 212 26.08 -52.69 35.93
C LYS E 212 27.25 -53.37 36.65
N VAL E 213 28.45 -53.22 36.11
CA VAL E 213 29.64 -53.81 36.70
C VAL E 213 30.69 -52.74 37.02
N ASP E 214 31.34 -52.90 38.18
CA ASP E 214 32.45 -52.05 38.57
C ASP E 214 33.68 -52.91 38.77
N LYS E 215 34.34 -53.27 37.66
CA LYS E 215 35.50 -54.13 37.73
C LYS E 215 36.72 -53.30 38.10
N LYS E 216 37.19 -53.48 39.33
CA LYS E 216 38.34 -52.75 39.85
C LYS E 216 39.61 -53.39 39.35
N ILE E 217 40.32 -52.69 38.46
CA ILE E 217 41.63 -53.14 38.01
C ILE E 217 42.59 -53.18 39.19
N GLU E 218 43.55 -54.10 39.15
CA GLU E 218 44.60 -54.21 40.16
C GLU E 218 45.76 -55.08 39.68
N PRO E 219 46.97 -54.89 40.25
CA PRO E 219 48.15 -55.57 39.73
C PRO E 219 48.19 -57.06 40.05
N ARG E 220 49.14 -57.78 39.47
CA ARG E 220 49.35 -59.19 39.80
C ARG E 220 50.77 -59.63 39.48
N ASP F 1 11.51 -31.65 -3.18
CA ASP F 1 12.23 -31.20 -1.96
C ASP F 1 13.53 -30.51 -2.33
N ILE F 2 13.97 -29.59 -1.50
CA ILE F 2 15.24 -28.92 -1.72
C ILE F 2 16.35 -29.91 -1.38
N VAL F 3 17.26 -30.11 -2.35
CA VAL F 3 18.38 -31.03 -2.19
C VAL F 3 19.66 -30.23 -1.95
N LEU F 4 20.31 -30.45 -0.81
CA LEU F 4 21.55 -29.75 -0.47
C LEU F 4 22.77 -30.61 -0.80
N THR F 5 23.54 -30.17 -1.80
CA THR F 5 24.76 -30.86 -2.22
C THR F 5 26.00 -30.18 -1.62
N GLN F 6 26.51 -30.71 -0.53
CA GLN F 6 27.73 -30.18 0.07
C GLN F 6 28.93 -30.69 -0.67
N SER F 7 30.00 -29.91 -0.65
CA SER F 7 31.27 -30.41 -1.15
C SER F 7 32.42 -29.60 -0.55
N PRO F 8 33.60 -30.21 -0.41
CA PRO F 8 33.88 -31.60 -0.74
C PRO F 8 33.33 -32.54 0.31
N ALA F 9 33.23 -33.83 -0.04
CA ALA F 9 32.77 -34.86 0.89
C ALA F 9 33.60 -34.83 2.17
N SER F 10 34.89 -34.58 2.03
CA SER F 10 35.80 -34.45 3.16
C SER F 10 37.01 -33.63 2.77
N LEU F 11 37.76 -33.14 3.76
CA LEU F 11 39.00 -32.44 3.49
C LEU F 11 39.90 -32.43 4.71
N SER F 12 41.20 -32.40 4.46
CA SER F 12 42.20 -32.33 5.51
C SER F 12 42.85 -30.96 5.48
N VAL F 13 42.98 -30.33 6.64
CA VAL F 13 43.49 -28.96 6.72
C VAL F 13 44.46 -28.81 7.90
N SER F 14 45.64 -28.27 7.64
CA SER F 14 46.65 -28.09 8.68
C SER F 14 46.18 -27.09 9.73
N LEU F 15 46.66 -27.25 10.96
CA LEU F 15 46.34 -26.30 12.01
C LEU F 15 46.80 -24.90 11.62
N GLY F 16 46.03 -23.89 12.00
CA GLY F 16 46.33 -22.51 11.63
C GLY F 16 45.90 -22.09 10.23
N GLN F 17 45.40 -23.03 9.45
CA GLN F 17 45.08 -22.78 8.04
C GLN F 17 43.58 -22.54 7.82
N ARG F 18 43.21 -22.26 6.57
CA ARG F 18 41.83 -21.97 6.20
C ARG F 18 41.14 -23.19 5.59
N ALA F 19 39.87 -23.39 5.94
CA ALA F 19 39.07 -24.46 5.37
C ALA F 19 37.74 -23.88 4.85
N THR F 20 37.47 -24.07 3.56
CA THR F 20 36.22 -23.61 2.97
C THR F 20 35.38 -24.76 2.43
N ILE F 21 34.21 -24.96 3.04
CA ILE F 21 33.21 -25.93 2.58
C ILE F 21 32.14 -25.17 1.83
N SER F 22 31.51 -25.80 0.85
CA SER F 22 30.40 -25.17 0.15
C SER F 22 29.15 -26.04 0.19
N CYS F 23 28.01 -25.38 0.01
CA CYS F 23 26.71 -26.03 0.02
C CYS F 23 25.88 -25.44 -1.13
N ARG F 24 25.25 -26.31 -1.90
CA ARG F 24 24.50 -25.90 -3.09
C ARG F 24 23.09 -26.47 -3.08
N ALA F 25 22.11 -25.58 -3.21
CA ALA F 25 20.70 -25.93 -3.05
C ALA F 25 20.06 -26.14 -4.41
N SER F 26 19.11 -27.08 -4.47
CA SER F 26 18.48 -27.47 -5.73
C SER F 26 17.61 -26.35 -6.29
N LYS F 27 17.02 -25.53 -5.42
CA LYS F 27 16.42 -24.27 -5.85
C LYS F 27 16.74 -23.16 -4.84
N SER F 28 16.30 -21.94 -5.12
CA SER F 28 16.69 -20.79 -4.32
C SER F 28 16.24 -20.91 -2.87
N VAL F 29 17.08 -20.43 -1.96
CA VAL F 29 16.82 -20.48 -0.51
C VAL F 29 16.73 -19.06 0.08
N SER F 30 16.77 -18.04 -0.78
CA SER F 30 16.78 -16.66 -0.35
C SER F 30 15.49 -15.94 -0.70
N THR F 31 15.08 -15.03 0.17
CA THR F 31 14.02 -14.07 -0.11
C THR F 31 14.67 -12.70 -0.30
N SER F 32 13.85 -11.65 -0.41
CA SER F 32 14.36 -10.28 -0.60
C SER F 32 15.31 -9.82 0.52
N ILE F 33 15.19 -10.41 1.71
CA ILE F 33 15.93 -9.94 2.89
C ILE F 33 16.65 -11.01 3.72
N TYR F 34 16.48 -12.28 3.39
CA TYR F 34 17.06 -13.37 4.18
C TYR F 34 17.38 -14.58 3.34
N SER F 35 18.56 -15.15 3.57
CA SER F 35 18.94 -16.44 3.00
C SER F 35 18.68 -17.47 4.08
N TYR F 36 17.79 -18.42 3.81
CA TYR F 36 17.39 -19.40 4.81
C TYR F 36 18.27 -20.65 4.79
N MET F 37 19.57 -20.43 5.02
CA MET F 37 20.59 -21.48 5.02
C MET F 37 21.42 -21.36 6.28
N HIS F 38 21.68 -22.49 6.94
CA HIS F 38 22.38 -22.51 8.23
C HIS F 38 23.42 -23.63 8.26
N TRP F 39 24.47 -23.44 9.05
CA TRP F 39 25.56 -24.42 9.15
C TRP F 39 25.60 -25.07 10.53
N TYR F 40 25.75 -26.39 10.55
CA TYR F 40 25.86 -27.16 11.78
C TYR F 40 27.18 -27.92 11.85
N GLN F 41 27.67 -28.11 13.08
CA GLN F 41 28.89 -28.86 13.35
C GLN F 41 28.52 -30.09 14.17
N GLN F 42 29.02 -31.26 13.78
CA GLN F 42 28.81 -32.46 14.58
C GLN F 42 30.10 -33.20 14.89
N LYS F 43 30.53 -33.11 16.14
CA LYS F 43 31.58 -33.98 16.68
C LYS F 43 30.96 -35.36 16.89
N PRO F 44 31.71 -36.44 16.59
CA PRO F 44 31.15 -37.78 16.71
C PRO F 44 30.63 -38.12 18.11
N GLY F 45 29.49 -38.79 18.15
CA GLY F 45 28.88 -39.21 19.41
C GLY F 45 28.04 -38.14 20.06
N GLN F 46 27.98 -36.96 19.45
CA GLN F 46 27.24 -35.83 20.01
C GLN F 46 26.21 -35.29 19.03
N PRO F 47 25.26 -34.47 19.54
CA PRO F 47 24.33 -33.81 18.63
C PRO F 47 25.01 -32.68 17.85
N PRO F 48 24.45 -32.32 16.69
CA PRO F 48 25.03 -31.14 16.01
C PRO F 48 24.75 -29.83 16.75
N LYS F 49 25.64 -28.86 16.55
CA LYS F 49 25.56 -27.54 17.17
C LYS F 49 25.45 -26.49 16.06
N LEU F 50 24.50 -25.56 16.20
CA LEU F 50 24.31 -24.48 15.22
C LEU F 50 25.49 -23.53 15.29
N LEU F 51 26.08 -23.23 14.14
CA LEU F 51 27.26 -22.34 14.08
C LEU F 51 26.96 -21.02 13.37
N ILE F 52 26.46 -21.11 12.15
CA ILE F 52 26.04 -19.94 11.38
C ILE F 52 24.55 -20.02 11.08
N LYS F 53 23.87 -18.89 11.24
CA LYS F 53 22.45 -18.80 10.91
C LYS F 53 22.25 -17.74 9.84
N TYR F 54 21.22 -17.96 9.02
CA TYR F 54 20.88 -17.09 7.91
C TYR F 54 22.09 -16.66 7.09
N ALA F 55 22.89 -17.65 6.67
CA ALA F 55 24.00 -17.44 5.74
C ALA F 55 25.26 -16.90 6.37
N SER F 56 25.15 -15.80 7.12
CA SER F 56 26.32 -15.07 7.59
C SER F 56 26.40 -14.75 9.08
N TYR F 57 25.32 -14.95 9.82
CA TYR F 57 25.25 -14.50 11.22
C TYR F 57 25.78 -15.56 12.19
N LEU F 58 26.72 -15.15 13.03
CA LEU F 58 27.29 -16.03 14.05
C LEU F 58 26.33 -16.29 15.21
N GLU F 59 25.99 -17.55 15.43
CA GLU F 59 25.24 -17.95 16.62
C GLU F 59 26.07 -17.56 17.83
N SER F 60 25.44 -16.98 18.85
CA SER F 60 26.18 -16.45 19.99
C SER F 60 27.07 -17.52 20.62
N GLY F 61 28.26 -17.11 21.04
CA GLY F 61 29.23 -18.03 21.66
C GLY F 61 29.86 -18.98 20.66
N VAL F 62 30.12 -18.48 19.45
CA VAL F 62 30.85 -19.23 18.44
C VAL F 62 32.01 -18.36 17.95
N PRO F 63 33.24 -18.92 17.93
CA PRO F 63 34.40 -18.11 17.56
C PRO F 63 34.24 -17.41 16.21
N ALA F 64 34.67 -16.16 16.12
CA ALA F 64 34.51 -15.35 14.91
C ALA F 64 35.29 -15.95 13.73
N ARG F 65 36.21 -16.85 14.01
CA ARG F 65 36.92 -17.56 12.94
C ARG F 65 36.00 -18.42 12.08
N PHE F 66 34.82 -18.73 12.60
CA PHE F 66 33.74 -19.25 11.78
C PHE F 66 33.01 -18.11 11.10
N SER F 67 32.91 -18.16 9.78
CA SER F 67 32.15 -17.17 9.01
C SER F 67 31.44 -17.82 7.84
N GLY F 68 30.34 -17.23 7.41
CA GLY F 68 29.54 -17.78 6.32
C GLY F 68 29.13 -16.71 5.32
N SER F 69 28.82 -17.14 4.11
CA SER F 69 28.47 -16.22 3.04
C SER F 69 27.80 -16.97 1.91
N GLY F 70 26.95 -16.26 1.16
CA GLY F 70 26.24 -16.84 0.01
C GLY F 70 24.85 -16.28 -0.15
N SER F 71 24.17 -16.71 -1.21
CA SER F 71 22.77 -16.37 -1.41
C SER F 71 22.18 -17.20 -2.52
N GLY F 72 20.86 -17.27 -2.56
CA GLY F 72 20.17 -18.05 -3.57
C GLY F 72 20.44 -19.53 -3.40
N THR F 73 21.29 -20.08 -4.26
CA THR F 73 21.63 -21.50 -4.20
C THR F 73 23.05 -21.77 -3.77
N ASP F 74 23.91 -20.74 -3.77
CA ASP F 74 25.35 -20.90 -3.58
C ASP F 74 25.79 -20.40 -2.21
N PHE F 75 26.23 -21.32 -1.35
CA PHE F 75 26.64 -20.97 0.02
C PHE F 75 27.97 -21.57 0.46
N THR F 76 28.78 -20.74 1.12
CA THR F 76 30.13 -21.11 1.52
C THR F 76 30.29 -20.91 3.04
N LEU F 77 31.06 -21.80 3.66
CA LEU F 77 31.43 -21.69 5.07
C LEU F 77 32.95 -21.70 5.15
N ASN F 78 33.50 -20.77 5.93
CA ASN F 78 34.95 -20.68 6.11
C ASN F 78 35.31 -20.80 7.58
N ILE F 79 36.28 -21.68 7.88
CA ILE F 79 36.91 -21.74 9.19
C ILE F 79 38.35 -21.28 9.01
N HIS F 80 38.74 -20.27 9.78
CA HIS F 80 40.09 -19.74 9.68
C HIS F 80 40.40 -18.86 10.89
N PRO F 81 41.44 -19.20 11.68
CA PRO F 81 42.39 -20.30 11.51
C PRO F 81 41.87 -21.61 12.11
N VAL F 82 42.03 -22.72 11.39
CA VAL F 82 41.58 -24.03 11.86
C VAL F 82 42.25 -24.41 13.21
N GLU F 83 41.49 -25.13 14.04
CA GLU F 83 41.94 -25.60 15.35
C GLU F 83 41.66 -27.09 15.52
N GLU F 84 42.25 -27.70 16.56
CA GLU F 84 41.98 -29.11 16.88
C GLU F 84 40.52 -29.38 17.15
N GLU F 85 39.89 -28.46 17.87
CA GLU F 85 38.49 -28.62 18.28
C GLU F 85 37.50 -28.53 17.10
N ASP F 86 38.00 -28.16 15.93
CA ASP F 86 37.16 -28.07 14.73
C ASP F 86 37.04 -29.40 13.96
N ALA F 87 37.67 -30.46 14.47
CA ALA F 87 37.51 -31.80 13.90
C ALA F 87 36.06 -32.25 14.08
N ALA F 88 35.34 -32.40 12.98
CA ALA F 88 33.91 -32.71 13.04
C ALA F 88 33.33 -32.89 11.64
N THR F 89 32.05 -33.23 11.56
CA THR F 89 31.33 -33.22 10.30
C THR F 89 30.46 -31.98 10.25
N TYR F 90 30.48 -31.29 9.12
CA TYR F 90 29.78 -30.04 8.96
C TYR F 90 28.60 -30.20 8.02
N TYR F 91 27.45 -29.68 8.45
CA TYR F 91 26.20 -29.82 7.72
C TYR F 91 25.58 -28.46 7.46
N CYS F 92 25.12 -28.25 6.23
CA CYS F 92 24.31 -27.09 5.89
C CYS F 92 22.85 -27.53 5.89
N GLU F 93 21.96 -26.63 6.33
CA GLU F 93 20.52 -26.92 6.40
C GLU F 93 19.71 -25.70 6.01
N HIS F 94 18.67 -25.92 5.22
CA HIS F 94 17.73 -24.85 4.85
C HIS F 94 16.45 -24.91 5.69
N SER F 95 15.85 -23.74 5.90
CA SER F 95 14.56 -23.63 6.58
C SER F 95 13.62 -22.76 5.74
N ARG F 96 13.73 -22.87 4.42
CA ARG F 96 12.91 -22.09 3.52
C ARG F 96 11.51 -22.66 3.43
N GLU F 97 11.39 -23.98 3.50
CA GLU F 97 10.11 -24.63 3.34
C GLU F 97 10.11 -25.97 4.02
N PHE F 98 8.92 -26.56 4.12
CA PHE F 98 8.78 -27.94 4.53
C PHE F 98 8.95 -28.78 3.27
N PRO F 99 9.70 -29.88 3.34
CA PRO F 99 10.42 -30.37 4.50
C PRO F 99 11.79 -29.69 4.65
N PHE F 100 12.24 -29.51 5.88
CA PHE F 100 13.63 -29.16 6.13
C PHE F 100 14.51 -30.32 5.63
N THR F 101 15.62 -30.00 4.98
CA THR F 101 16.61 -31.02 4.60
C THR F 101 18.05 -30.56 4.84
N PHE F 102 18.93 -31.54 5.05
CA PHE F 102 20.33 -31.28 5.40
C PHE F 102 21.25 -31.65 4.25
N GLY F 103 22.45 -31.10 4.30
CA GLY F 103 23.43 -31.33 3.26
C GLY F 103 24.08 -32.68 3.37
N THR F 104 24.67 -33.12 2.26
CA THR F 104 25.31 -34.42 2.18
C THR F 104 26.34 -34.65 3.31
N GLY F 105 26.95 -33.57 3.79
CA GLY F 105 27.89 -33.59 4.92
C GLY F 105 29.33 -33.49 4.45
N THR F 106 30.14 -32.71 5.18
CA THR F 106 31.57 -32.56 4.90
C THR F 106 32.38 -32.82 6.17
N LYS F 107 33.30 -33.78 6.09
CA LYS F 107 34.11 -34.17 7.26
C LYS F 107 35.46 -33.45 7.25
N LEU F 108 35.72 -32.65 8.29
CA LEU F 108 36.97 -31.90 8.38
C LEU F 108 38.03 -32.66 9.18
N GLU F 109 39.16 -32.93 8.52
CA GLU F 109 40.30 -33.58 9.18
C GLU F 109 41.35 -32.51 9.46
N ILE F 110 41.97 -32.57 10.64
CA ILE F 110 42.92 -31.54 11.08
C ILE F 110 44.36 -32.08 11.02
N LYS F 111 45.11 -31.64 10.00
CA LYS F 111 46.53 -32.00 9.88
C LYS F 111 47.35 -31.35 10.98
N ARG F 112 48.00 -32.18 11.81
CA ARG F 112 48.95 -31.71 12.82
C ARG F 112 50.30 -32.37 12.59
N ALA F 113 51.28 -32.04 13.44
CA ALA F 113 52.61 -32.64 13.36
C ALA F 113 52.54 -34.16 13.57
N ASP F 114 53.37 -34.91 12.86
CA ASP F 114 53.38 -36.36 13.05
C ASP F 114 53.72 -36.70 14.50
N ALA F 115 53.08 -37.73 15.05
CA ALA F 115 53.28 -38.14 16.43
C ALA F 115 53.47 -39.65 16.54
N ALA F 116 54.42 -40.07 17.37
CA ALA F 116 54.70 -41.48 17.60
C ALA F 116 53.69 -42.04 18.59
N PRO F 117 53.16 -43.26 18.33
CA PRO F 117 52.23 -43.90 19.25
C PRO F 117 52.88 -44.30 20.57
N THR F 118 52.04 -44.59 21.56
CA THR F 118 52.48 -45.07 22.86
C THR F 118 51.89 -46.45 23.04
N VAL F 119 52.68 -47.47 22.69
CA VAL F 119 52.20 -48.85 22.71
C VAL F 119 52.17 -49.41 24.13
N SER F 120 51.21 -50.29 24.40
CA SER F 120 51.08 -50.94 25.71
C SER F 120 50.37 -52.27 25.52
N ILE F 121 50.97 -53.35 26.03
CA ILE F 121 50.42 -54.70 25.85
C ILE F 121 49.76 -55.23 27.13
N PHE F 122 48.70 -56.03 26.97
CA PHE F 122 47.91 -56.54 28.09
C PHE F 122 47.56 -58.01 27.90
N PRO F 123 48.06 -58.88 28.80
CA PRO F 123 47.64 -60.28 28.71
C PRO F 123 46.19 -60.44 29.15
N PRO F 124 45.59 -61.61 28.89
CA PRO F 124 44.28 -61.90 29.44
C PRO F 124 44.26 -61.77 30.97
N SER F 125 43.14 -61.34 31.52
CA SER F 125 42.96 -61.31 32.97
C SER F 125 42.61 -62.71 33.46
N SER F 126 42.87 -62.98 34.74
CA SER F 126 42.46 -64.24 35.37
C SER F 126 41.02 -64.59 35.01
N GLU F 127 40.18 -63.57 35.00
CA GLU F 127 38.75 -63.75 34.88
C GLU F 127 38.32 -64.27 33.51
N GLN F 128 39.00 -63.84 32.45
CA GLN F 128 38.65 -64.28 31.10
C GLN F 128 39.06 -65.73 30.87
N LEU F 129 40.23 -66.11 31.40
CA LEU F 129 40.70 -67.49 31.28
C LEU F 129 39.61 -68.49 31.69
N THR F 130 39.03 -68.28 32.86
CA THR F 130 37.97 -69.14 33.39
C THR F 130 36.94 -69.59 32.33
N SER F 131 36.48 -68.65 31.50
CA SER F 131 35.45 -68.94 30.52
C SER F 131 35.98 -69.60 29.24
N GLY F 132 37.21 -70.09 29.27
CA GLY F 132 37.82 -70.73 28.10
C GLY F 132 38.17 -69.74 26.99
N GLY F 133 38.27 -68.47 27.35
CA GLY F 133 38.58 -67.40 26.40
C GLY F 133 39.89 -66.71 26.76
N ALA F 134 40.69 -66.39 25.74
CA ALA F 134 41.92 -65.64 25.93
C ALA F 134 41.99 -64.51 24.92
N SER F 135 42.02 -63.27 25.42
CA SER F 135 42.19 -62.09 24.57
C SER F 135 43.42 -61.29 25.00
N VAL F 136 44.32 -61.06 24.05
CA VAL F 136 45.46 -60.16 24.26
C VAL F 136 45.14 -58.80 23.60
N VAL F 137 45.29 -57.72 24.38
CA VAL F 137 44.96 -56.38 23.91
C VAL F 137 46.20 -55.49 23.85
N CYS F 138 46.26 -54.65 22.82
CA CYS F 138 47.39 -53.75 22.58
C CYS F 138 46.86 -52.37 22.19
N PHE F 139 47.19 -51.35 22.97
CA PHE F 139 46.77 -49.98 22.67
C PHE F 139 47.88 -49.21 21.96
N LEU F 140 47.62 -48.80 20.73
CA LEU F 140 48.45 -47.81 20.03
C LEU F 140 47.73 -46.48 20.19
N ASN F 141 48.34 -45.55 20.91
CA ASN F 141 47.63 -44.36 21.37
C ASN F 141 48.27 -43.01 21.04
N ASN F 142 47.41 -42.03 20.76
CA ASN F 142 47.80 -40.64 20.51
C ASN F 142 48.85 -40.45 19.41
N PHE F 143 48.61 -41.07 18.26
CA PHE F 143 49.53 -40.99 17.13
C PHE F 143 48.92 -40.22 15.95
N TYR F 144 49.77 -39.87 14.99
CA TYR F 144 49.35 -39.19 13.77
C TYR F 144 50.43 -39.34 12.71
N PRO F 145 50.03 -39.55 11.44
CA PRO F 145 48.67 -39.67 10.91
C PRO F 145 47.98 -41.01 11.21
N LYS F 146 46.75 -41.15 10.74
CA LYS F 146 45.89 -42.30 11.05
C LYS F 146 46.47 -43.65 10.61
N ASP F 147 47.36 -43.65 9.62
CA ASP F 147 47.93 -44.89 9.09
C ASP F 147 48.94 -45.49 10.06
N ILE F 148 48.61 -46.66 10.58
CA ILE F 148 49.52 -47.45 11.41
C ILE F 148 49.41 -48.93 11.02
N ASN F 149 50.52 -49.63 11.08
CA ASN F 149 50.54 -51.09 10.92
C ASN F 149 50.87 -51.75 12.26
N VAL F 150 50.12 -52.78 12.61
CA VAL F 150 50.41 -53.58 13.80
C VAL F 150 50.60 -55.05 13.43
N LYS F 151 51.64 -55.66 13.99
CA LYS F 151 51.89 -57.10 13.82
C LYS F 151 51.96 -57.80 15.17
N TRP F 152 51.50 -59.05 15.21
CA TRP F 152 51.56 -59.88 16.40
C TRP F 152 52.59 -61.00 16.21
N LYS F 153 53.40 -61.21 17.24
CA LYS F 153 54.34 -62.32 17.29
C LYS F 153 53.95 -63.21 18.46
N ILE F 154 53.82 -64.51 18.21
CA ILE F 154 53.66 -65.50 19.27
C ILE F 154 54.86 -66.45 19.25
N ASP F 155 55.61 -66.48 20.35
CA ASP F 155 56.85 -67.25 20.46
C ASP F 155 57.78 -66.97 19.27
N GLY F 156 58.01 -65.69 18.99
CA GLY F 156 58.91 -65.28 17.92
C GLY F 156 58.30 -65.29 16.52
N SER F 157 57.23 -66.06 16.31
CA SER F 157 56.67 -66.25 14.98
C SER F 157 55.42 -65.41 14.77
N GLU F 158 55.32 -64.80 13.59
CA GLU F 158 54.19 -63.94 13.23
C GLU F 158 52.91 -64.74 13.09
N ARG F 159 51.82 -64.24 13.65
CA ARG F 159 50.49 -64.80 13.39
C ARG F 159 49.40 -63.73 13.35
N GLN F 160 48.39 -63.99 12.52
CA GLN F 160 47.27 -63.09 12.28
C GLN F 160 45.99 -63.82 12.68
N ASN F 161 46.06 -64.56 13.79
CA ASN F 161 45.01 -65.51 14.19
C ASN F 161 43.70 -64.84 14.58
N GLY F 162 43.07 -64.13 13.66
CA GLY F 162 41.91 -63.34 14.02
C GLY F 162 42.33 -62.25 14.98
N VAL F 163 42.79 -61.15 14.41
CA VAL F 163 43.11 -59.96 15.18
C VAL F 163 42.21 -58.84 14.66
N LEU F 164 41.38 -58.29 15.54
CA LEU F 164 40.42 -57.25 15.17
C LEU F 164 40.88 -55.88 15.67
N ASN F 165 40.98 -54.91 14.77
CA ASN F 165 41.54 -53.59 15.06
C ASN F 165 40.48 -52.49 14.95
N SER F 166 40.43 -51.62 15.97
CA SER F 166 39.44 -50.55 16.03
C SER F 166 40.09 -49.19 16.18
N TRP F 167 39.79 -48.28 15.25
CA TRP F 167 40.33 -46.92 15.26
C TRP F 167 39.41 -45.90 15.94
N THR F 168 40.04 -44.89 16.54
CA THR F 168 39.34 -43.78 17.17
C THR F 168 39.07 -42.66 16.17
N ASP F 169 38.11 -41.80 16.49
CA ASP F 169 37.90 -40.54 15.79
C ASP F 169 38.97 -39.54 16.22
N GLN F 170 39.30 -38.60 15.35
CA GLN F 170 40.38 -37.66 15.64
C GLN F 170 40.11 -36.94 16.95
N ASP F 171 41.10 -36.97 17.85
CA ASP F 171 40.98 -36.33 19.15
C ASP F 171 40.73 -34.83 18.96
N SER F 172 39.78 -34.27 19.72
CA SER F 172 39.45 -32.86 19.59
C SER F 172 40.36 -31.94 20.43
N LYS F 173 41.26 -32.52 21.23
CA LYS F 173 42.26 -31.74 21.98
C LYS F 173 43.66 -31.77 21.37
N ASP F 174 44.13 -32.93 20.91
CA ASP F 174 45.47 -33.05 20.31
C ASP F 174 45.49 -33.48 18.83
N SER F 175 44.31 -33.71 18.24
CA SER F 175 44.18 -34.11 16.84
C SER F 175 44.84 -35.46 16.47
N THR F 176 45.10 -36.29 17.47
CA THR F 176 45.69 -37.60 17.23
C THR F 176 44.61 -38.68 17.10
N TYR F 177 44.99 -39.80 16.51
CA TYR F 177 44.15 -40.98 16.46
C TYR F 177 44.63 -41.99 17.49
N SER F 178 43.85 -43.05 17.68
CA SER F 178 44.21 -44.13 18.60
C SER F 178 43.58 -45.45 18.16
N MET F 179 44.31 -46.53 18.31
CA MET F 179 43.89 -47.82 17.78
C MET F 179 44.13 -48.93 18.79
N SER F 180 43.12 -49.75 19.03
CA SER F 180 43.28 -50.95 19.85
C SER F 180 43.23 -52.16 18.95
N SER F 181 44.26 -53.00 19.02
CA SER F 181 44.28 -54.29 18.34
C SER F 181 44.09 -55.41 19.36
N THR F 182 43.07 -56.22 19.16
CA THR F 182 42.81 -57.37 20.04
C THR F 182 43.11 -58.67 19.31
N LEU F 183 43.91 -59.52 19.95
CA LEU F 183 44.11 -60.89 19.50
C LEU F 183 43.30 -61.81 20.40
N THR F 184 42.27 -62.42 19.84
CA THR F 184 41.43 -63.35 20.58
C THR F 184 41.71 -64.78 20.12
N LEU F 185 41.93 -65.66 21.08
CA LEU F 185 42.11 -67.08 20.81
C LEU F 185 41.72 -67.92 22.02
N THR F 186 41.60 -69.23 21.80
CA THR F 186 41.19 -70.18 22.83
C THR F 186 42.07 -70.08 24.09
N LYS F 187 41.47 -70.36 25.24
CA LYS F 187 42.23 -70.48 26.50
C LYS F 187 43.34 -71.53 26.36
N ASP F 188 43.01 -72.63 25.67
CA ASP F 188 43.98 -73.69 25.37
C ASP F 188 45.23 -73.12 24.73
N GLU F 189 45.10 -72.59 23.51
CA GLU F 189 46.26 -72.12 22.77
C GLU F 189 47.07 -71.08 23.53
N TYR F 190 46.39 -70.19 24.27
CA TYR F 190 47.10 -69.17 25.04
C TYR F 190 48.14 -69.80 25.98
N GLU F 191 47.76 -70.92 26.60
CA GLU F 191 48.65 -71.59 27.55
C GLU F 191 49.56 -72.65 26.92
N ARG F 192 49.43 -72.86 25.61
CA ARG F 192 50.41 -73.64 24.86
C ARG F 192 51.70 -72.84 24.76
N HIS F 193 51.57 -71.58 24.33
CA HIS F 193 52.71 -70.71 24.04
C HIS F 193 53.05 -69.81 25.23
N ASN F 194 54.17 -69.09 25.14
CA ASN F 194 54.71 -68.31 26.28
C ASN F 194 55.02 -66.83 26.02
N SER F 195 55.54 -66.52 24.82
CA SER F 195 56.02 -65.17 24.48
C SER F 195 55.10 -64.49 23.47
N TYR F 196 54.48 -63.38 23.88
CA TYR F 196 53.48 -62.69 23.06
C TYR F 196 53.88 -61.23 22.81
N THR F 197 54.11 -60.90 21.53
CA THR F 197 54.62 -59.57 21.14
C THR F 197 53.63 -58.77 20.29
N CYS F 198 53.71 -57.45 20.42
CA CYS F 198 52.88 -56.50 19.67
C CYS F 198 53.75 -55.40 19.06
N GLU F 199 53.85 -55.39 17.73
CA GLU F 199 54.74 -54.47 17.03
C GLU F 199 53.97 -53.39 16.27
N ALA F 200 54.20 -52.13 16.65
CA ALA F 200 53.62 -50.98 15.95
C ALA F 200 54.62 -50.34 15.01
N THR F 201 54.26 -50.28 13.72
CA THR F 201 55.09 -49.59 12.72
C THR F 201 54.33 -48.40 12.14
N HIS F 202 54.97 -47.23 12.19
CA HIS F 202 54.33 -45.96 11.89
C HIS F 202 55.23 -45.14 10.96
N LYS F 203 54.69 -44.05 10.40
CA LYS F 203 55.49 -43.11 9.60
C LYS F 203 56.66 -42.57 10.42
N THR F 204 56.36 -42.15 11.65
CA THR F 204 57.35 -41.55 12.54
C THR F 204 58.49 -42.53 12.85
N SER F 205 58.16 -43.81 12.89
CA SER F 205 59.12 -44.86 13.21
C SER F 205 59.85 -45.32 11.96
N THR F 206 61.17 -45.21 11.96
CA THR F 206 61.99 -45.84 10.92
C THR F 206 62.04 -47.35 11.14
N SER F 207 61.88 -47.77 12.40
CA SER F 207 61.88 -49.17 12.76
C SER F 207 60.79 -49.42 13.82
N PRO F 208 60.17 -50.63 13.81
CA PRO F 208 58.99 -50.88 14.64
C PRO F 208 59.20 -50.64 16.12
N ILE F 209 58.22 -50.02 16.77
CA ILE F 209 58.17 -49.94 18.24
C ILE F 209 57.60 -51.26 18.75
N VAL F 210 58.30 -51.89 19.69
CA VAL F 210 57.97 -53.23 20.15
C VAL F 210 57.65 -53.26 21.64
N LYS F 211 56.64 -54.04 21.99
CA LYS F 211 56.19 -54.20 23.36
C LYS F 211 55.71 -55.64 23.50
N SER F 212 56.06 -56.29 24.61
CA SER F 212 55.70 -57.70 24.79
C SER F 212 55.77 -58.16 26.24
N PHE F 213 55.23 -59.34 26.47
CA PHE F 213 55.27 -59.97 27.79
C PHE F 213 55.50 -61.47 27.65
N ASN F 214 56.09 -62.06 28.69
CA ASN F 214 56.22 -63.51 28.78
C ASN F 214 55.16 -64.06 29.71
N ARG F 215 54.19 -64.78 29.13
CA ARG F 215 53.18 -65.49 29.92
C ARG F 215 53.91 -66.30 30.97
N ASN F 216 53.51 -66.16 32.23
CA ASN F 216 54.25 -66.73 33.34
C ASN F 216 55.48 -65.85 33.65
N GLU F 217 55.22 -64.56 33.84
CA GLU F 217 56.23 -63.56 34.19
C GLU F 217 57.63 -63.85 33.64
#